data_4CTM
#
_entry.id   4CTM
#
_cell.length_a   128.240
_cell.length_b   128.240
_cell.length_c   115.900
_cell.angle_alpha   90.00
_cell.angle_beta   90.00
_cell.angle_gamma   90.00
#
_symmetry.space_group_name_H-M   'P 43 21 2'
#
loop_
_entity.id
_entity.type
_entity.pdbx_description
1 polymer 'GLYCOGEN PHOSPHORYLASE, MUSCLE FORM'
2 non-polymer (5R,7R,8S,9S,10R)-8,9,10-trihydroxy-7-(hydroxymethyl)-2-imino-6-oxa-1-thia-3-azaspiro[4.5]decan-4-one
3 non-polymer "PYRIDOXAL-5'-PHOSPHATE"
4 non-polymer 'PHOSPHATE ION'
5 water water
#
_entity_poly.entity_id   1
_entity_poly.type   'polypeptide(L)'
_entity_poly.pdbx_seq_one_letter_code
;MSRPLSDQEKRKQISVRGLAGVENVTELKKNFNRHLHFTLVKDRNVATPRDYYFALAHTVRDHLVGRWIRTQQHYYEKDP
KRIYYLSLEFYMGRTLQNTMVNLALENACDEATYQLGLDMEELEEIEEDAGLGNGGLGRLAACFLDSMATLGLAAYGYGI
RYEFGIFNQKICGGWQMEEADDWLRYGNPWEKARPEFTLPVHFYGRVEHTSQGAKWVDTQVVLAMPYDTPVPGYRNNVVN
TMRLWSAKAPNDFNLKDFNVGGYIQAVLDRNLAENISRVLYPNDNFFEGKELRLKQEYFVVAATLQDIIRRFKSSKFGCR
DPVRTNFDAFPDKVAIQLNDTHPSLAIPELMRVLVDLERLDWDKAWEVTVKTCAYTNHTVLPEALERWPVHLLETLLPRH
LQIIYEINQRFLNRVAAAFPGDVDRLRRMSLVEEGAVKRINMAHLCIAGSHAVNGVARIHSEILKKTIFKDFYELEPHKF
QNKTNGITPRRWLVLCNPGLAEIIAERIGEEYISDLDQLRKLLSYVDDEAFIRDVAKVKQENKLKFAAYLEREYKVHINP
NSLFDVQVKRIHEYKRQLLNCLHVITLYNRIKKEPNKFVVPRTVMIGGKAAPGYHMAKMIIKLITAIGDVVNHDPVVGDR
LRVIFLENYRVSLAEKVIPAADLSEQISTAGTEASGTGNMKFMLNGALTIGTMDGANVEMAEEAGEENFFIFGMRVEDVD
RLDQRGYNAQEYYDRIPELRQIIEQLSSGFFSPKQPDLFKDIVNMLMHHDRFKVFADYEEYVKCQERVSALYKNPREWTR
MVIRNIATSGKFSSDRTIAQYAREIWGVEPSRQRLPAPDEKIP
;
_entity_poly.pdbx_strand_id   A
#
loop_
_chem_comp.id
_chem_comp.type
_chem_comp.name
_chem_comp.formula
MIF non-polymer (5R,7R,8S,9S,10R)-8,9,10-trihydroxy-7-(hydroxymethyl)-2-imino-6-oxa-1-thia-3-azaspiro[4.5]decan-4-one 'C8 H12 N2 O6 S'
PLP non-polymer PYRIDOXAL-5'-PHOSPHATE 'C8 H10 N O6 P'
PO4 non-polymer 'PHOSPHATE ION' 'O4 P -3'
#
# COMPACT_ATOMS: atom_id res chain seq x y z
N GLN A 13 -5.02 -26.05 -17.55
CA GLN A 13 -3.58 -26.48 -17.47
C GLN A 13 -3.20 -26.89 -16.03
N ILE A 14 -3.23 -25.94 -15.10
CA ILE A 14 -2.93 -26.22 -13.68
C ILE A 14 -4.21 -26.16 -12.84
N SER A 15 -4.29 -27.03 -11.83
CA SER A 15 -5.55 -27.26 -11.12
C SER A 15 -6.09 -26.06 -10.34
N VAL A 16 -5.19 -25.31 -9.68
CA VAL A 16 -5.62 -24.15 -8.86
C VAL A 16 -6.30 -23.06 -9.69
N ARG A 17 -6.15 -23.10 -11.00
CA ARG A 17 -6.83 -22.16 -11.91
C ARG A 17 -8.27 -22.55 -12.29
N GLY A 18 -8.78 -23.64 -11.71
CA GLY A 18 -10.18 -24.02 -11.86
C GLY A 18 -10.46 -24.97 -13.02
N LEU A 19 -11.75 -25.27 -13.22
CA LEU A 19 -12.18 -26.19 -14.27
C LEU A 19 -12.51 -25.47 -15.58
N ALA A 20 -12.18 -26.11 -16.70
CA ALA A 20 -12.57 -25.65 -18.02
C ALA A 20 -13.66 -26.57 -18.58
N GLY A 21 -14.87 -26.44 -18.04
CA GLY A 21 -16.02 -27.24 -18.47
C GLY A 21 -16.50 -26.85 -19.86
N VAL A 22 -16.85 -27.86 -20.66
CA VAL A 22 -17.26 -27.64 -22.06
C VAL A 22 -18.37 -26.59 -22.20
N GLU A 23 -19.37 -26.65 -21.32
CA GLU A 23 -20.46 -25.68 -21.36
C GLU A 23 -19.99 -24.28 -21.01
N ASN A 24 -19.19 -24.18 -19.95
CA ASN A 24 -18.60 -22.90 -19.53
C ASN A 24 -17.80 -22.25 -20.64
N VAL A 25 -16.94 -23.03 -21.28
CA VAL A 25 -16.09 -22.52 -22.35
C VAL A 25 -16.93 -22.06 -23.55
N THR A 26 -17.93 -22.87 -23.92
CA THR A 26 -18.84 -22.51 -25.00
C THR A 26 -19.56 -21.18 -24.71
N GLU A 27 -20.06 -21.04 -23.48
CA GLU A 27 -20.79 -19.84 -23.07
C GLU A 27 -19.90 -18.59 -23.03
N LEU A 28 -18.66 -18.75 -22.56
CA LEU A 28 -17.71 -17.65 -22.53
C LEU A 28 -17.35 -17.17 -23.94
N LYS A 29 -17.15 -18.11 -24.86
CA LYS A 29 -16.85 -17.77 -26.25
C LYS A 29 -18.00 -17.00 -26.90
N LYS A 30 -19.22 -17.44 -26.61
CA LYS A 30 -20.44 -16.81 -27.14
C LYS A 30 -20.56 -15.37 -26.62
N ASN A 31 -20.41 -15.19 -25.32
CA ASN A 31 -20.53 -13.87 -24.69
C ASN A 31 -19.39 -12.93 -25.07
N PHE A 32 -18.20 -13.49 -25.27
CA PHE A 32 -17.06 -12.71 -25.79
C PHE A 32 -17.38 -12.13 -27.16
N ASN A 33 -17.90 -12.97 -28.06
CA ASN A 33 -18.28 -12.51 -29.39
C ASN A 33 -19.44 -11.53 -29.36
N ARG A 34 -20.38 -11.73 -28.45
CA ARG A 34 -21.48 -10.80 -28.26
C ARG A 34 -20.96 -9.40 -27.87
N HIS A 35 -20.05 -9.34 -26.91
CA HIS A 35 -19.52 -8.04 -26.48
C HIS A 35 -18.68 -7.37 -27.56
N LEU A 36 -17.91 -8.16 -28.29
CA LEU A 36 -17.09 -7.61 -29.35
C LEU A 36 -17.96 -6.91 -30.39
N HIS A 37 -19.11 -7.52 -30.68
CA HIS A 37 -20.06 -7.04 -31.68
C HIS A 37 -20.89 -5.89 -31.11
N PHE A 38 -21.68 -6.16 -30.08
CA PHE A 38 -22.66 -5.21 -29.58
C PHE A 38 -22.09 -4.13 -28.65
N THR A 39 -21.10 -4.49 -27.84
CA THR A 39 -20.55 -3.55 -26.86
C THR A 39 -19.45 -2.69 -27.47
N LEU A 40 -18.52 -3.33 -28.16
CA LEU A 40 -17.41 -2.63 -28.75
C LEU A 40 -17.68 -2.17 -30.18
N VAL A 41 -18.73 -2.70 -30.81
CA VAL A 41 -19.09 -2.34 -32.19
C VAL A 41 -17.90 -2.57 -33.12
N LYS A 42 -17.40 -3.81 -33.10
CA LYS A 42 -16.29 -4.23 -33.94
C LYS A 42 -16.57 -5.61 -34.49
N ASP A 43 -15.85 -6.01 -35.53
CA ASP A 43 -15.78 -7.41 -35.91
C ASP A 43 -14.31 -7.82 -35.95
N ARG A 44 -14.06 -9.13 -36.11
CA ARG A 44 -12.71 -9.68 -36.01
C ARG A 44 -11.72 -9.12 -37.02
N ASN A 45 -12.22 -8.49 -38.09
CA ASN A 45 -11.35 -7.95 -39.14
C ASN A 45 -10.68 -6.65 -38.75
N VAL A 46 -11.34 -5.86 -37.91
CA VAL A 46 -10.81 -4.54 -37.50
C VAL A 46 -10.51 -4.46 -36.00
N ALA A 47 -10.68 -5.57 -35.28
CA ALA A 47 -10.50 -5.57 -33.83
C ALA A 47 -9.02 -5.52 -33.47
N THR A 48 -8.68 -4.62 -32.56
CA THR A 48 -7.32 -4.47 -32.06
C THR A 48 -7.17 -5.31 -30.80
N PRO A 49 -5.92 -5.62 -30.41
CA PRO A 49 -5.73 -6.37 -29.16
C PRO A 49 -6.46 -5.76 -27.96
N ARG A 50 -6.55 -4.43 -27.93
CA ARG A 50 -7.28 -3.73 -26.86
C ARG A 50 -8.77 -4.03 -26.90
N ASP A 51 -9.35 -4.13 -28.10
CA ASP A 51 -10.76 -4.50 -28.24
C ASP A 51 -10.98 -5.89 -27.62
N TYR A 52 -10.07 -6.81 -27.89
CA TYR A 52 -10.16 -8.16 -27.34
C TYR A 52 -10.08 -8.16 -25.82
N TYR A 53 -9.17 -7.35 -25.26
CA TYR A 53 -9.13 -7.19 -23.81
C TYR A 53 -10.49 -6.75 -23.26
N PHE A 54 -11.08 -5.72 -23.86
CA PHE A 54 -12.36 -5.20 -23.37
C PHE A 54 -13.49 -6.20 -23.50
N ALA A 55 -13.50 -6.96 -24.60
CA ALA A 55 -14.52 -7.99 -24.78
C ALA A 55 -14.44 -9.01 -23.65
N LEU A 56 -13.22 -9.43 -23.32
CA LEU A 56 -13.01 -10.38 -22.21
C LEU A 56 -13.44 -9.78 -20.86
N ALA A 57 -13.02 -8.54 -20.61
CA ALA A 57 -13.34 -7.87 -19.35
C ALA A 57 -14.84 -7.77 -19.15
N HIS A 58 -15.57 -7.36 -20.18
CA HIS A 58 -17.03 -7.32 -20.12
C HIS A 58 -17.63 -8.70 -19.91
N THR A 59 -17.02 -9.71 -20.53
CA THR A 59 -17.50 -11.08 -20.38
C THR A 59 -17.36 -11.55 -18.93
N VAL A 60 -16.18 -11.30 -18.34
CA VAL A 60 -15.94 -11.66 -16.94
C VAL A 60 -16.80 -10.83 -15.99
N ARG A 61 -16.93 -9.54 -16.30
CA ARG A 61 -17.76 -8.65 -15.49
C ARG A 61 -19.20 -9.15 -15.42
N ASP A 62 -19.72 -9.70 -16.51
CA ASP A 62 -21.08 -10.24 -16.51
C ASP A 62 -21.30 -11.29 -15.41
N HIS A 63 -20.28 -12.09 -15.11
CA HIS A 63 -20.36 -13.10 -14.07
C HIS A 63 -20.35 -12.54 -12.63
N LEU A 64 -19.92 -11.30 -12.48
CA LEU A 64 -19.93 -10.62 -11.17
C LEU A 64 -21.30 -10.09 -10.80
N VAL A 65 -22.07 -9.68 -11.81
CA VAL A 65 -23.26 -8.85 -11.63
C VAL A 65 -24.32 -9.48 -10.74
N GLY A 66 -24.68 -10.72 -11.05
CA GLY A 66 -25.69 -11.42 -10.27
C GLY A 66 -25.28 -11.53 -8.81
N ARG A 67 -24.03 -11.92 -8.58
CA ARG A 67 -23.49 -12.05 -7.22
C ARG A 67 -23.45 -10.71 -6.50
N TRP A 68 -23.12 -9.66 -7.25
CA TRP A 68 -23.06 -8.30 -6.70
C TRP A 68 -24.42 -7.83 -6.23
N ILE A 69 -25.43 -8.00 -7.08
CA ILE A 69 -26.79 -7.62 -6.72
C ILE A 69 -27.29 -8.45 -5.54
N ARG A 70 -27.02 -9.76 -5.57
CA ARG A 70 -27.49 -10.66 -4.52
C ARG A 70 -26.81 -10.38 -3.18
N THR A 71 -25.51 -10.09 -3.21
CA THR A 71 -24.79 -9.74 -1.99
C THR A 71 -25.42 -8.51 -1.33
N GLN A 72 -25.59 -7.44 -2.10
CA GLN A 72 -26.11 -6.19 -1.54
C GLN A 72 -27.55 -6.33 -1.05
N GLN A 73 -28.37 -7.14 -1.73
CA GLN A 73 -29.74 -7.38 -1.24
C GLN A 73 -29.70 -8.28 0.01
N HIS A 74 -28.77 -9.22 0.07
CA HIS A 74 -28.57 -10.04 1.27
C HIS A 74 -28.26 -9.18 2.49
N TYR A 75 -27.35 -8.21 2.34
CA TYR A 75 -27.03 -7.28 3.44
C TYR A 75 -28.25 -6.46 3.86
N TYR A 76 -29.04 -6.04 2.89
CA TYR A 76 -30.27 -5.31 3.20
C TYR A 76 -31.25 -6.15 4.03
N GLU A 77 -31.40 -7.42 3.67
CA GLU A 77 -32.34 -8.31 4.36
C GLU A 77 -31.86 -8.66 5.77
N LYS A 78 -30.59 -9.02 5.89
CA LYS A 78 -30.02 -9.42 7.18
C LYS A 78 -29.62 -8.25 8.08
N ASP A 79 -29.35 -7.08 7.48
CA ASP A 79 -28.97 -5.88 8.21
C ASP A 79 -27.83 -6.10 9.21
N PRO A 80 -26.69 -6.63 8.73
CA PRO A 80 -25.55 -6.82 9.62
C PRO A 80 -24.89 -5.47 9.92
N LYS A 81 -24.03 -5.43 10.92
CA LYS A 81 -23.23 -4.23 11.15
C LYS A 81 -22.35 -4.00 9.92
N ARG A 82 -22.31 -2.75 9.44
CA ARG A 82 -21.58 -2.42 8.22
C ARG A 82 -20.23 -1.82 8.58
N ILE A 83 -19.20 -2.23 7.85
CA ILE A 83 -17.85 -1.71 8.06
C ILE A 83 -17.51 -0.75 6.93
N TYR A 84 -17.09 0.45 7.30
CA TYR A 84 -16.74 1.50 6.34
C TYR A 84 -15.27 1.83 6.48
N TYR A 85 -14.50 1.44 5.46
CA TYR A 85 -13.07 1.65 5.44
C TYR A 85 -12.78 2.90 4.62
N LEU A 86 -12.46 3.99 5.31
CA LEU A 86 -12.24 5.29 4.67
C LEU A 86 -10.75 5.48 4.39
N SER A 87 -10.43 5.72 3.12
CA SER A 87 -9.04 5.90 2.71
C SER A 87 -8.93 6.87 1.55
N LEU A 88 -7.86 7.65 1.52
CA LEU A 88 -7.58 8.51 0.38
C LEU A 88 -6.88 7.74 -0.72
N GLU A 89 -6.50 6.49 -0.43
CA GLU A 89 -5.76 5.68 -1.38
C GLU A 89 -6.27 4.24 -1.42
N PHE A 90 -6.45 3.73 -2.63
CA PHE A 90 -6.73 2.32 -2.87
C PHE A 90 -5.88 1.92 -4.07
N TYR A 91 -4.79 1.19 -3.82
CA TYR A 91 -3.88 0.84 -4.89
C TYR A 91 -4.27 -0.54 -5.42
N MET A 92 -5.22 -0.56 -6.34
CA MET A 92 -5.90 -1.80 -6.75
C MET A 92 -5.12 -2.61 -7.77
N GLY A 93 -4.32 -1.95 -8.60
CA GLY A 93 -3.64 -2.62 -9.72
C GLY A 93 -4.67 -3.05 -10.75
N ARG A 94 -4.38 -4.13 -11.47
CA ARG A 94 -5.32 -4.67 -12.46
C ARG A 94 -6.39 -5.51 -11.81
N THR A 95 -7.53 -5.62 -12.49
CA THR A 95 -8.72 -6.29 -11.95
C THR A 95 -9.09 -7.59 -12.69
N LEU A 96 -8.70 -7.73 -13.95
CA LEU A 96 -9.19 -8.85 -14.78
C LEU A 96 -8.81 -10.20 -14.20
N GLN A 97 -7.51 -10.45 -14.06
CA GLN A 97 -7.05 -11.74 -13.56
C GLN A 97 -7.56 -11.99 -12.14
N ASN A 98 -7.50 -10.96 -11.29
CA ASN A 98 -7.99 -11.11 -9.93
C ASN A 98 -9.43 -11.59 -9.86
N THR A 99 -10.27 -11.02 -10.73
CA THR A 99 -11.67 -11.39 -10.79
C THR A 99 -11.83 -12.85 -11.24
N MET A 100 -11.05 -13.24 -12.24
CA MET A 100 -11.09 -14.63 -12.72
C MET A 100 -10.68 -15.60 -11.62
N VAL A 101 -9.62 -15.26 -10.91
CA VAL A 101 -9.13 -16.09 -9.80
C VAL A 101 -10.22 -16.27 -8.75
N ASN A 102 -10.83 -15.18 -8.32
CA ASN A 102 -11.84 -15.23 -7.27
C ASN A 102 -13.16 -15.87 -7.67
N LEU A 103 -13.42 -15.94 -8.98
CA LEU A 103 -14.63 -16.57 -9.50
C LEU A 103 -14.36 -17.96 -10.07
N ALA A 104 -13.12 -18.42 -9.97
CA ALA A 104 -12.68 -19.72 -10.48
C ALA A 104 -12.86 -19.86 -11.99
N LEU A 105 -12.61 -18.77 -12.71
CA LEU A 105 -12.87 -18.70 -14.16
C LEU A 105 -11.60 -18.70 -15.00
N GLU A 106 -10.43 -18.76 -14.35
CA GLU A 106 -9.19 -18.52 -15.08
C GLU A 106 -8.91 -19.53 -16.20
N ASN A 107 -9.03 -20.81 -15.90
CA ASN A 107 -8.78 -21.86 -16.89
C ASN A 107 -9.83 -21.85 -18.00
N ALA A 108 -11.09 -21.65 -17.62
CA ALA A 108 -12.18 -21.57 -18.59
C ALA A 108 -11.96 -20.42 -19.58
N CYS A 109 -11.60 -19.24 -19.07
CA CYS A 109 -11.32 -18.09 -19.93
C CYS A 109 -10.07 -18.31 -20.79
N ASP A 110 -9.07 -18.97 -20.22
CA ASP A 110 -7.84 -19.29 -20.96
C ASP A 110 -8.18 -20.20 -22.14
N GLU A 111 -8.98 -21.23 -21.87
CA GLU A 111 -9.43 -22.16 -22.90
C GLU A 111 -10.29 -21.46 -23.95
N ALA A 112 -11.27 -20.68 -23.49
CA ALA A 112 -12.17 -19.95 -24.40
C ALA A 112 -11.40 -19.04 -25.34
N THR A 113 -10.47 -18.26 -24.80
CA THR A 113 -9.69 -17.33 -25.61
C THR A 113 -8.72 -18.06 -26.54
N TYR A 114 -8.13 -19.15 -26.05
CA TYR A 114 -7.26 -20.00 -26.87
C TYR A 114 -7.99 -20.53 -28.10
N GLN A 115 -9.23 -20.97 -27.92
CA GLN A 115 -10.06 -21.48 -29.02
C GLN A 115 -10.46 -20.39 -30.01
N LEU A 116 -10.44 -19.13 -29.56
CA LEU A 116 -10.71 -17.98 -30.43
C LEU A 116 -9.44 -17.44 -31.09
N GLY A 117 -8.30 -18.08 -30.84
CA GLY A 117 -7.03 -17.70 -31.45
C GLY A 117 -6.34 -16.55 -30.74
N LEU A 118 -6.56 -16.43 -29.44
CA LEU A 118 -6.01 -15.34 -28.64
C LEU A 118 -5.22 -15.87 -27.46
N ASP A 119 -4.22 -15.10 -27.04
CA ASP A 119 -3.43 -15.42 -25.85
C ASP A 119 -3.91 -14.54 -24.70
N MET A 120 -4.48 -15.15 -23.67
CA MET A 120 -5.10 -14.41 -22.59
C MET A 120 -4.11 -13.56 -21.79
N GLU A 121 -2.88 -14.05 -21.62
CA GLU A 121 -1.86 -13.31 -20.88
C GLU A 121 -1.47 -12.02 -21.61
N GLU A 122 -1.46 -12.08 -22.93
CA GLU A 122 -1.20 -10.90 -23.76
C GLU A 122 -2.31 -9.86 -23.58
N LEU A 123 -3.55 -10.32 -23.53
CA LEU A 123 -4.70 -9.45 -23.27
C LEU A 123 -4.65 -8.83 -21.87
N GLU A 124 -4.20 -9.61 -20.89
CA GLU A 124 -4.08 -9.12 -19.51
C GLU A 124 -3.12 -7.93 -19.39
N GLU A 125 -2.05 -7.96 -20.18
CA GLU A 125 -1.05 -6.88 -20.19
C GLU A 125 -1.58 -5.55 -20.73
N ILE A 126 -2.73 -5.56 -21.40
CA ILE A 126 -3.32 -4.33 -21.92
C ILE A 126 -4.00 -3.50 -20.83
N GLU A 127 -4.50 -4.15 -19.79
CA GLU A 127 -5.21 -3.44 -18.72
C GLU A 127 -4.27 -2.46 -18.00
N GLU A 128 -4.75 -1.24 -17.78
CA GLU A 128 -4.01 -0.26 -16.98
C GLU A 128 -4.15 -0.59 -15.50
N ASP A 129 -3.09 -0.41 -14.72
CA ASP A 129 -3.23 -0.42 -13.26
C ASP A 129 -4.19 0.67 -12.81
N ALA A 130 -5.04 0.35 -11.84
CA ALA A 130 -5.74 1.37 -11.08
C ALA A 130 -4.74 1.81 -10.01
N GLY A 131 -3.99 2.87 -10.31
CA GLY A 131 -2.91 3.31 -9.45
C GLY A 131 -3.34 4.42 -8.53
N LEU A 132 -4.41 4.20 -7.78
CA LEU A 132 -4.96 5.24 -6.91
C LEU A 132 -4.31 5.23 -5.54
N GLY A 133 -3.01 5.02 -5.50
CA GLY A 133 -2.26 5.03 -4.25
C GLY A 133 -0.79 5.20 -4.53
N ASN A 134 -0.03 5.49 -3.47
CA ASN A 134 1.39 5.76 -3.58
C ASN A 134 2.26 4.53 -3.39
N GLY A 135 1.79 3.59 -2.57
CA GLY A 135 2.61 2.46 -2.18
C GLY A 135 1.89 1.66 -1.13
N GLY A 136 2.55 1.48 0.01
CA GLY A 136 2.16 0.50 1.01
C GLY A 136 0.81 0.72 1.65
N LEU A 137 0.52 1.98 1.99
CA LEU A 137 -0.75 2.31 2.64
C LEU A 137 -1.91 2.07 1.68
N GLY A 138 -1.75 2.51 0.44
CA GLY A 138 -2.77 2.30 -0.58
C GLY A 138 -2.96 0.83 -0.91
N ARG A 139 -1.87 0.08 -0.95
CA ARG A 139 -1.95 -1.34 -1.30
C ARG A 139 -2.56 -2.13 -0.15
N LEU A 140 -2.30 -1.69 1.08
CA LEU A 140 -2.91 -2.34 2.25
C LEU A 140 -4.42 -2.27 2.20
N ALA A 141 -4.94 -1.09 1.84
CA ALA A 141 -6.38 -0.91 1.69
C ALA A 141 -6.92 -1.89 0.63
N ALA A 142 -6.17 -2.10 -0.45
CA ALA A 142 -6.61 -3.02 -1.50
C ALA A 142 -6.65 -4.47 -1.02
N CYS A 143 -5.58 -4.92 -0.37
CA CYS A 143 -5.54 -6.26 0.22
C CYS A 143 -6.66 -6.46 1.24
N PHE A 144 -6.89 -5.44 2.05
CA PHE A 144 -7.94 -5.45 3.04
C PHE A 144 -9.33 -5.62 2.43
N LEU A 145 -9.61 -4.94 1.32
CA LEU A 145 -10.92 -5.09 0.65
C LEU A 145 -11.13 -6.54 0.19
N ASP A 146 -10.07 -7.14 -0.35
CA ASP A 146 -10.10 -8.53 -0.80
C ASP A 146 -10.41 -9.48 0.36
N SER A 147 -9.71 -9.28 1.48
CA SER A 147 -9.90 -10.12 2.68
C SER A 147 -11.28 -9.92 3.33
N MET A 148 -11.78 -8.69 3.35
CA MET A 148 -13.10 -8.43 3.93
C MET A 148 -14.21 -9.15 3.14
N ALA A 149 -14.08 -9.16 1.82
CA ALA A 149 -15.01 -9.87 0.93
C ALA A 149 -14.89 -11.37 1.11
N THR A 150 -13.64 -11.85 1.18
CA THR A 150 -13.36 -13.26 1.35
C THR A 150 -13.84 -13.76 2.72
N LEU A 151 -13.87 -12.87 3.72
CA LEU A 151 -14.35 -13.22 5.05
C LEU A 151 -15.81 -12.86 5.27
N GLY A 152 -16.51 -12.49 4.20
CA GLY A 152 -17.96 -12.33 4.24
C GLY A 152 -18.45 -11.17 5.08
N LEU A 153 -17.62 -10.13 5.24
CA LEU A 153 -17.99 -8.96 6.01
C LEU A 153 -18.76 -7.97 5.14
N ALA A 154 -19.77 -7.31 5.72
CA ALA A 154 -20.53 -6.30 5.02
C ALA A 154 -19.71 -5.00 4.98
N ALA A 155 -18.70 -4.97 4.10
CA ALA A 155 -17.69 -3.92 4.12
C ALA A 155 -17.72 -3.09 2.84
N TYR A 156 -17.45 -1.80 3.00
CA TYR A 156 -17.42 -0.85 1.90
C TYR A 156 -16.14 -0.05 1.98
N GLY A 157 -15.40 0.01 0.88
CA GLY A 157 -14.26 0.90 0.75
C GLY A 157 -14.76 2.22 0.19
N TYR A 158 -14.38 3.32 0.82
CA TYR A 158 -14.78 4.65 0.37
C TYR A 158 -13.56 5.50 0.14
N GLY A 159 -13.46 6.10 -1.04
CA GLY A 159 -12.33 6.92 -1.42
C GLY A 159 -12.66 7.92 -2.51
N ILE A 160 -11.62 8.36 -3.20
CA ILE A 160 -11.76 9.33 -4.27
C ILE A 160 -11.39 8.66 -5.58
N ARG A 161 -12.19 8.92 -6.61
CA ARG A 161 -11.89 8.47 -7.94
C ARG A 161 -10.98 9.51 -8.60
N TYR A 162 -9.68 9.36 -8.43
CA TYR A 162 -8.75 10.30 -9.04
C TYR A 162 -8.75 10.08 -10.54
N GLU A 163 -8.80 11.18 -11.28
CA GLU A 163 -8.68 11.12 -12.72
C GLU A 163 -7.26 10.71 -13.10
N PHE A 164 -6.30 11.15 -12.32
CA PHE A 164 -4.89 10.81 -12.50
C PHE A 164 -4.34 10.20 -11.21
N GLY A 165 -3.84 8.98 -11.32
CA GLY A 165 -3.29 8.28 -10.18
C GLY A 165 -1.81 8.60 -10.03
N ILE A 166 -1.09 7.69 -9.39
CA ILE A 166 0.34 7.87 -9.22
C ILE A 166 0.98 7.98 -10.62
N PHE A 167 1.82 9.00 -10.81
CA PHE A 167 2.45 9.26 -12.11
C PHE A 167 3.20 8.06 -12.67
N ASN A 168 3.24 7.96 -13.99
CA ASN A 168 4.13 7.02 -14.65
C ASN A 168 5.53 7.59 -14.63
N GLN A 169 6.48 6.76 -14.21
CA GLN A 169 7.88 7.12 -14.15
C GLN A 169 8.62 6.70 -15.40
N LYS A 170 9.26 7.67 -16.06
CA LYS A 170 10.23 7.41 -17.12
C LYS A 170 11.60 7.82 -16.62
N ILE A 171 12.63 7.08 -17.04
CA ILE A 171 14.00 7.43 -16.72
C ILE A 171 14.65 8.03 -17.96
N CYS A 172 15.08 9.28 -17.86
CA CYS A 172 15.74 10.00 -18.96
C CYS A 172 17.10 10.47 -18.51
N GLY A 173 18.15 9.93 -19.15
CA GLY A 173 19.53 10.25 -18.79
C GLY A 173 19.83 9.91 -17.34
N GLY A 174 19.20 8.85 -16.84
CA GLY A 174 19.35 8.44 -15.44
C GLY A 174 18.49 9.20 -14.45
N TRP A 175 17.68 10.15 -14.93
CA TRP A 175 16.83 10.98 -14.06
C TRP A 175 15.37 10.57 -14.20
N GLN A 176 14.64 10.64 -13.09
CA GLN A 176 13.20 10.41 -13.12
C GLN A 176 12.49 11.58 -13.79
N MET A 177 11.64 11.25 -14.76
CA MET A 177 10.67 12.18 -15.31
C MET A 177 9.29 11.64 -14.93
N GLU A 178 8.35 12.54 -14.69
CA GLU A 178 6.98 12.17 -14.34
C GLU A 178 6.06 12.39 -15.53
N GLU A 179 5.17 11.44 -15.76
CA GLU A 179 4.13 11.57 -16.78
C GLU A 179 2.79 11.30 -16.13
N ALA A 180 1.79 12.06 -16.56
CA ALA A 180 0.42 11.89 -16.06
C ALA A 180 -0.08 10.48 -16.35
N ASP A 181 -0.66 9.87 -15.32
CA ASP A 181 -1.25 8.54 -15.41
C ASP A 181 -2.72 8.69 -15.82
N ASP A 182 -2.96 8.74 -17.12
CA ASP A 182 -4.28 8.96 -17.69
C ASP A 182 -4.98 7.59 -17.79
N TRP A 183 -5.22 6.99 -16.63
CA TRP A 183 -5.67 5.60 -16.55
C TRP A 183 -7.08 5.37 -17.07
N LEU A 184 -7.89 6.43 -17.17
CA LEU A 184 -9.27 6.32 -17.64
C LEU A 184 -9.46 6.63 -19.13
N ARG A 185 -8.35 6.86 -19.84
CA ARG A 185 -8.38 7.29 -21.24
C ARG A 185 -9.24 6.39 -22.15
N TYR A 186 -9.11 5.07 -21.99
CA TYR A 186 -9.86 4.11 -22.80
C TYR A 186 -11.14 3.60 -22.12
N GLY A 187 -11.45 4.14 -20.93
CA GLY A 187 -12.60 3.73 -20.17
C GLY A 187 -12.24 2.68 -19.13
N ASN A 188 -13.09 2.55 -18.11
CA ASN A 188 -12.92 1.58 -17.04
C ASN A 188 -14.14 0.67 -17.01
N PRO A 189 -14.00 -0.59 -17.46
CA PRO A 189 -15.17 -1.46 -17.56
C PRO A 189 -15.67 -1.99 -16.21
N TRP A 190 -14.86 -1.84 -15.16
CA TRP A 190 -15.17 -2.40 -13.86
C TRP A 190 -16.09 -1.52 -13.02
N GLU A 191 -16.04 -0.21 -13.25
CA GLU A 191 -16.82 0.72 -12.47
C GLU A 191 -18.23 0.93 -13.03
N LYS A 192 -19.16 1.26 -12.14
CA LYS A 192 -20.50 1.67 -12.52
C LYS A 192 -20.79 3.02 -11.88
N ALA A 193 -20.96 4.04 -12.71
CA ALA A 193 -21.37 5.36 -12.25
C ALA A 193 -22.76 5.27 -11.63
N ARG A 194 -22.94 5.95 -10.50
CA ARG A 194 -24.22 5.98 -9.81
C ARG A 194 -24.67 7.43 -9.59
N PRO A 195 -24.93 8.17 -10.68
CA PRO A 195 -25.29 9.60 -10.59
C PRO A 195 -26.54 9.89 -9.73
N GLU A 196 -27.40 8.90 -9.60
CA GLU A 196 -28.59 9.00 -8.75
C GLU A 196 -28.29 9.11 -7.26
N PHE A 197 -27.09 8.72 -6.84
CA PHE A 197 -26.68 8.84 -5.43
C PHE A 197 -25.73 10.04 -5.23
N THR A 198 -25.79 11.02 -6.12
CA THR A 198 -24.96 12.22 -6.02
C THR A 198 -25.34 13.05 -4.79
N LEU A 199 -24.34 13.54 -4.07
CA LEU A 199 -24.52 14.26 -2.81
C LEU A 199 -23.79 15.60 -2.83
N PRO A 200 -24.33 16.61 -2.15
CA PRO A 200 -23.65 17.90 -2.06
C PRO A 200 -22.60 17.92 -0.95
N VAL A 201 -21.48 18.58 -1.21
CA VAL A 201 -20.44 18.80 -0.22
C VAL A 201 -20.21 20.31 -0.13
N HIS A 202 -20.09 20.82 1.09
CA HIS A 202 -20.01 22.26 1.35
C HIS A 202 -18.63 22.71 1.75
N PHE A 203 -18.22 23.88 1.27
CA PHE A 203 -16.95 24.49 1.61
C PHE A 203 -17.11 25.99 1.89
N TYR A 204 -16.16 26.53 2.64
CA TYR A 204 -16.10 27.97 2.97
C TYR A 204 -17.33 28.39 3.80
N GLY A 205 -17.93 29.52 3.48
CA GLY A 205 -19.07 30.02 4.24
C GLY A 205 -18.70 30.54 5.62
N ARG A 206 -19.68 30.57 6.51
CA ARG A 206 -19.50 31.13 7.85
C ARG A 206 -20.51 30.53 8.80
N VAL A 207 -20.26 30.66 10.10
CA VAL A 207 -21.14 30.10 11.10
C VAL A 207 -22.05 31.18 11.68
N GLU A 208 -23.35 30.86 11.73
CA GLU A 208 -24.37 31.73 12.29
C GLU A 208 -24.94 31.05 13.53
N HIS A 209 -24.98 31.77 14.65
CA HIS A 209 -25.52 31.23 15.90
C HIS A 209 -26.94 31.73 16.12
N THR A 210 -27.89 30.80 16.19
CA THR A 210 -29.30 31.13 16.32
C THR A 210 -29.85 30.58 17.65
N SER A 211 -31.16 30.74 17.86
CA SER A 211 -31.84 30.17 19.01
C SER A 211 -31.87 28.64 18.94
N GLN A 212 -31.93 28.10 17.72
CA GLN A 212 -32.01 26.66 17.50
C GLN A 212 -30.61 26.00 17.41
N GLY A 213 -29.55 26.80 17.49
CA GLY A 213 -28.19 26.29 17.46
C GLY A 213 -27.36 26.92 16.36
N ALA A 214 -26.21 26.31 16.06
CA ALA A 214 -25.31 26.83 15.02
C ALA A 214 -25.80 26.44 13.63
N LYS A 215 -25.52 27.30 12.66
CA LYS A 215 -25.92 27.11 11.28
C LYS A 215 -24.73 27.45 10.39
N TRP A 216 -24.42 26.56 9.45
CA TRP A 216 -23.32 26.78 8.51
C TRP A 216 -23.90 27.25 7.18
N VAL A 217 -23.64 28.52 6.84
CA VAL A 217 -24.33 29.20 5.74
C VAL A 217 -23.37 29.85 4.76
N ASP A 218 -23.91 30.25 3.61
CA ASP A 218 -23.17 30.94 2.53
C ASP A 218 -22.02 30.09 1.99
N THR A 219 -22.23 28.79 1.94
CA THR A 219 -21.19 27.87 1.50
C THR A 219 -21.14 27.76 -0.02
N GLN A 220 -20.00 27.31 -0.53
CA GLN A 220 -19.89 26.88 -1.91
C GLN A 220 -20.13 25.39 -1.95
N VAL A 221 -20.85 24.94 -2.96
CA VAL A 221 -21.25 23.55 -3.10
C VAL A 221 -20.49 22.87 -4.22
N VAL A 222 -19.92 21.70 -3.92
CA VAL A 222 -19.42 20.79 -4.93
C VAL A 222 -20.19 19.47 -4.82
N LEU A 223 -20.56 18.89 -5.96
CA LEU A 223 -21.29 17.64 -5.94
C LEU A 223 -20.32 16.46 -5.89
N ALA A 224 -20.72 15.42 -5.17
CA ALA A 224 -19.95 14.19 -5.11
C ALA A 224 -20.74 13.10 -5.81
N MET A 225 -20.23 12.63 -6.95
CA MET A 225 -20.86 11.57 -7.72
C MET A 225 -20.12 10.25 -7.48
N PRO A 226 -20.84 9.22 -7.02
CA PRO A 226 -20.16 7.95 -6.75
C PRO A 226 -20.04 7.04 -7.96
N TYR A 227 -18.92 6.34 -8.01
CA TYR A 227 -18.68 5.24 -8.93
C TYR A 227 -18.39 4.00 -8.10
N ASP A 228 -19.13 2.93 -8.37
CA ASP A 228 -19.01 1.68 -7.63
C ASP A 228 -18.22 0.65 -8.42
N THR A 229 -17.29 -0.01 -7.73
CA THR A 229 -16.49 -1.08 -8.31
C THR A 229 -16.70 -2.32 -7.46
N PRO A 230 -16.95 -3.48 -8.11
CA PRO A 230 -17.16 -4.70 -7.35
C PRO A 230 -15.87 -5.26 -6.77
N VAL A 231 -15.96 -5.81 -5.57
CA VAL A 231 -14.85 -6.44 -4.89
C VAL A 231 -15.25 -7.89 -4.56
N PRO A 232 -14.83 -8.85 -5.40
CA PRO A 232 -15.24 -10.25 -5.21
C PRO A 232 -14.44 -10.96 -4.14
N GLY A 233 -15.11 -11.72 -3.27
CA GLY A 233 -14.41 -12.58 -2.32
C GLY A 233 -13.93 -13.84 -3.03
N TYR A 234 -13.05 -14.59 -2.37
CA TYR A 234 -12.49 -15.78 -2.97
C TYR A 234 -13.50 -16.94 -2.97
N ARG A 235 -14.10 -17.19 -4.12
CA ARG A 235 -14.95 -18.35 -4.37
C ARG A 235 -16.03 -18.58 -3.31
N ASN A 236 -16.58 -17.48 -2.81
CA ASN A 236 -17.67 -17.51 -1.84
C ASN A 236 -18.92 -16.78 -2.31
N ASN A 237 -18.92 -16.33 -3.57
CA ASN A 237 -20.01 -15.57 -4.18
C ASN A 237 -20.37 -14.25 -3.49
N VAL A 238 -19.51 -13.76 -2.62
CA VAL A 238 -19.67 -12.43 -2.03
C VAL A 238 -19.01 -11.42 -2.97
N VAL A 239 -19.74 -10.35 -3.28
CA VAL A 239 -19.18 -9.24 -4.04
C VAL A 239 -19.55 -7.96 -3.30
N ASN A 240 -18.53 -7.35 -2.69
CA ASN A 240 -18.68 -6.12 -1.94
C ASN A 240 -18.42 -4.94 -2.88
N THR A 241 -18.53 -3.73 -2.34
CA THR A 241 -18.43 -2.52 -3.14
C THR A 241 -17.31 -1.62 -2.64
N MET A 242 -16.54 -1.08 -3.58
CA MET A 242 -15.67 0.05 -3.32
C MET A 242 -16.35 1.22 -4.01
N ARG A 243 -16.71 2.24 -3.23
CA ARG A 243 -17.38 3.42 -3.75
C ARG A 243 -16.41 4.62 -3.77
N LEU A 244 -16.13 5.12 -4.96
CA LEU A 244 -15.19 6.23 -5.11
C LEU A 244 -15.95 7.47 -5.63
N TRP A 245 -15.68 8.59 -4.99
CA TRP A 245 -16.37 9.83 -5.29
C TRP A 245 -15.61 10.65 -6.32
N SER A 246 -16.37 11.25 -7.22
CA SER A 246 -15.86 12.13 -8.25
C SER A 246 -16.53 13.50 -8.07
N ALA A 247 -15.74 14.56 -8.18
CA ALA A 247 -16.22 15.93 -7.96
C ALA A 247 -16.90 16.48 -9.21
N LYS A 248 -18.07 17.08 -9.02
CA LYS A 248 -18.85 17.67 -10.11
C LYS A 248 -19.34 19.05 -9.69
N ALA A 249 -19.26 20.02 -10.59
CA ALA A 249 -19.79 21.35 -10.30
C ALA A 249 -21.30 21.30 -10.41
N PRO A 250 -22.02 22.05 -9.56
CA PRO A 250 -23.46 22.20 -9.78
C PRO A 250 -23.75 22.99 -11.06
N ASN A 251 -24.94 22.84 -11.63
CA ASN A 251 -25.25 23.46 -12.95
C ASN A 251 -25.43 24.97 -12.95
N ASP A 252 -25.73 25.55 -11.80
CA ASP A 252 -25.78 27.00 -11.64
C ASP A 252 -24.41 27.53 -11.23
N GLY A 262 -17.73 36.42 -18.92
CA GLY A 262 -19.16 36.19 -18.79
C GLY A 262 -19.53 34.72 -18.84
N TYR A 263 -20.45 34.38 -19.74
CA TYR A 263 -21.03 33.03 -19.79
C TYR A 263 -19.97 31.96 -20.05
N ILE A 264 -19.14 32.16 -21.06
CA ILE A 264 -18.13 31.17 -21.45
C ILE A 264 -17.19 30.89 -20.29
N GLN A 265 -16.63 31.96 -19.71
CA GLN A 265 -15.71 31.82 -18.58
C GLN A 265 -16.37 31.11 -17.38
N ALA A 266 -17.64 31.43 -17.11
CA ALA A 266 -18.37 30.75 -16.03
C ALA A 266 -18.41 29.22 -16.25
N VAL A 267 -18.66 28.81 -17.49
CA VAL A 267 -18.69 27.38 -17.81
C VAL A 267 -17.28 26.79 -17.67
N LEU A 268 -16.27 27.49 -18.18
CA LEU A 268 -14.90 27.01 -18.08
C LEU A 268 -14.44 26.89 -16.63
N ASP A 269 -14.92 27.78 -15.77
CA ASP A 269 -14.53 27.79 -14.36
C ASP A 269 -15.11 26.63 -13.54
N ARG A 270 -16.02 25.85 -14.12
CA ARG A 270 -16.47 24.62 -13.47
C ARG A 270 -15.30 23.69 -13.14
N ASN A 271 -14.24 23.76 -13.95
CA ASN A 271 -12.99 23.02 -13.71
C ASN A 271 -12.42 23.20 -12.30
N LEU A 272 -12.60 24.38 -11.72
CA LEU A 272 -12.08 24.67 -10.39
C LEU A 272 -12.66 23.75 -9.33
N ALA A 273 -13.98 23.56 -9.36
CA ALA A 273 -14.64 22.64 -8.43
C ALA A 273 -14.27 21.18 -8.72
N GLU A 274 -14.12 20.86 -10.00
CA GLU A 274 -13.90 19.47 -10.40
C GLU A 274 -12.45 19.05 -10.19
N ASN A 275 -11.56 20.02 -10.00
CA ASN A 275 -10.17 19.74 -9.67
C ASN A 275 -9.96 18.96 -8.37
N ILE A 276 -10.96 18.94 -7.49
CA ILE A 276 -10.83 18.23 -6.21
C ILE A 276 -10.45 16.75 -6.40
N SER A 277 -11.08 16.09 -7.37
CA SER A 277 -10.82 14.68 -7.63
C SER A 277 -9.88 14.45 -8.83
N ARG A 278 -9.12 15.46 -9.23
CA ARG A 278 -8.33 15.35 -10.44
C ARG A 278 -7.10 14.50 -10.28
N VAL A 279 -6.38 14.64 -9.17
CA VAL A 279 -5.08 14.02 -9.07
C VAL A 279 -4.69 13.59 -7.63
N LEU A 280 -4.09 12.41 -7.55
CA LEU A 280 -3.52 11.89 -6.31
C LEU A 280 -2.24 12.67 -5.95
N TYR A 281 -2.17 13.16 -4.72
CA TYR A 281 -0.91 13.71 -4.21
C TYR A 281 0.14 12.61 -4.13
N PRO A 282 1.29 12.79 -4.81
CA PRO A 282 2.29 11.73 -4.96
C PRO A 282 3.33 11.65 -3.84
N ASN A 283 3.01 12.14 -2.64
CA ASN A 283 3.92 12.09 -1.49
C ASN A 283 3.76 10.83 -0.66
N ASP A 284 4.85 10.11 -0.48
CA ASP A 284 4.86 8.93 0.35
C ASP A 284 5.52 9.31 1.67
N ASN A 285 4.81 9.17 2.78
CA ASN A 285 5.38 9.49 4.10
C ASN A 285 5.90 10.94 4.21
N PHE A 286 5.13 11.88 3.65
CA PHE A 286 5.46 13.30 3.75
C PHE A 286 4.19 14.13 3.71
N PHE A 287 4.02 15.02 4.69
CA PHE A 287 2.85 15.88 4.77
C PHE A 287 3.11 17.19 4.04
N GLU A 288 2.25 17.49 3.07
CA GLU A 288 2.26 18.77 2.36
C GLU A 288 0.95 19.47 2.69
N GLY A 289 1.03 20.61 3.37
CA GLY A 289 -0.16 21.31 3.86
C GLY A 289 -0.84 22.16 2.82
N LYS A 290 -1.26 21.56 1.71
CA LYS A 290 -1.87 22.30 0.61
C LYS A 290 -3.39 22.30 0.73
N GLU A 291 -4.01 23.42 0.37
CA GLU A 291 -5.46 23.56 0.46
C GLU A 291 -6.20 22.50 -0.35
N LEU A 292 -5.73 22.22 -1.57
CA LEU A 292 -6.40 21.24 -2.42
C LEU A 292 -6.47 19.86 -1.74
N ARG A 293 -5.40 19.49 -1.05
CA ARG A 293 -5.37 18.23 -0.30
C ARG A 293 -6.39 18.22 0.82
N LEU A 294 -6.52 19.34 1.53
CA LEU A 294 -7.51 19.44 2.60
C LEU A 294 -8.92 19.31 2.02
N LYS A 295 -9.16 19.91 0.86
CA LYS A 295 -10.44 19.79 0.20
C LYS A 295 -10.75 18.33 -0.16
N GLN A 296 -9.74 17.62 -0.64
CA GLN A 296 -9.89 16.19 -0.95
C GLN A 296 -10.29 15.40 0.28
N GLU A 297 -9.62 15.68 1.39
CA GLU A 297 -9.89 14.99 2.63
C GLU A 297 -11.30 15.26 3.13
N TYR A 298 -11.76 16.51 3.09
CA TYR A 298 -13.12 16.78 3.52
C TYR A 298 -14.15 16.21 2.55
N PHE A 299 -13.87 16.33 1.25
CA PHE A 299 -14.74 15.83 0.19
C PHE A 299 -15.12 14.36 0.40
N VAL A 300 -14.12 13.52 0.63
CA VAL A 300 -14.39 12.09 0.80
C VAL A 300 -15.16 11.82 2.09
N VAL A 301 -14.80 12.53 3.14
CA VAL A 301 -15.45 12.39 4.43
C VAL A 301 -16.91 12.83 4.42
N ALA A 302 -17.18 14.00 3.84
CA ALA A 302 -18.53 14.56 3.84
C ALA A 302 -19.49 13.73 3.01
N ALA A 303 -19.06 13.34 1.81
CA ALA A 303 -19.89 12.51 0.94
C ALA A 303 -20.15 11.14 1.56
N THR A 304 -19.09 10.52 2.09
CA THR A 304 -19.18 9.19 2.70
C THR A 304 -20.11 9.17 3.92
N LEU A 305 -19.98 10.13 4.82
CA LEU A 305 -20.82 10.15 6.03
C LEU A 305 -22.30 10.33 5.72
N GLN A 306 -22.64 11.15 4.72
CA GLN A 306 -24.04 11.29 4.30
C GLN A 306 -24.58 9.98 3.76
N ASP A 307 -23.73 9.27 3.02
CA ASP A 307 -24.09 7.99 2.43
C ASP A 307 -24.32 6.96 3.53
N ILE A 308 -23.42 6.93 4.51
CA ILE A 308 -23.53 6.04 5.68
C ILE A 308 -24.83 6.30 6.44
N ILE A 309 -25.11 7.57 6.73
CA ILE A 309 -26.29 7.93 7.50
C ILE A 309 -27.56 7.58 6.73
N ARG A 310 -27.58 7.86 5.43
CA ARG A 310 -28.71 7.49 4.57
C ARG A 310 -28.99 5.99 4.64
N ARG A 311 -27.94 5.19 4.49
CA ARG A 311 -28.06 3.73 4.54
C ARG A 311 -28.53 3.27 5.92
N PHE A 312 -28.06 3.95 6.97
CA PHE A 312 -28.46 3.64 8.34
C PHE A 312 -29.95 3.92 8.60
N LYS A 313 -30.45 5.04 8.09
CA LYS A 313 -31.86 5.39 8.29
C LYS A 313 -32.80 4.50 7.47
N SER A 314 -32.31 3.96 6.36
CA SER A 314 -33.11 3.10 5.49
C SER A 314 -32.99 1.62 5.87
N SER A 315 -32.99 1.34 7.17
CA SER A 315 -32.85 -0.03 7.68
C SER A 315 -34.13 -0.83 7.46
N THR A 325 -33.14 8.28 13.38
CA THR A 325 -33.85 8.87 14.50
C THR A 325 -33.24 8.40 15.83
N ASN A 326 -33.13 7.08 16.00
CA ASN A 326 -32.51 6.52 17.19
C ASN A 326 -31.02 6.23 16.95
N PHE A 327 -30.20 7.25 17.17
CA PHE A 327 -28.76 7.14 16.91
C PHE A 327 -27.99 6.39 18.00
N ASP A 328 -28.69 5.97 19.06
CA ASP A 328 -28.09 5.11 20.08
C ASP A 328 -27.58 3.80 19.50
N ALA A 329 -28.28 3.31 18.47
CA ALA A 329 -27.92 2.07 17.82
C ALA A 329 -26.92 2.26 16.65
N PHE A 330 -26.52 3.51 16.40
CA PHE A 330 -25.62 3.81 15.29
C PHE A 330 -24.31 3.01 15.36
N PRO A 331 -23.65 2.99 16.54
CA PRO A 331 -22.41 2.20 16.67
C PRO A 331 -22.59 0.69 16.59
N ASP A 332 -23.81 0.20 16.81
CA ASP A 332 -24.11 -1.22 16.65
C ASP A 332 -24.27 -1.63 15.20
N LYS A 333 -24.56 -0.64 14.34
CA LYS A 333 -24.79 -0.91 12.93
C LYS A 333 -23.72 -0.34 12.00
N VAL A 334 -22.81 0.47 12.56
CA VAL A 334 -21.80 1.17 11.78
C VAL A 334 -20.43 1.14 12.47
N ALA A 335 -19.41 0.73 11.71
CA ALA A 335 -18.01 0.95 12.10
C ALA A 335 -17.32 1.76 11.01
N ILE A 336 -16.59 2.80 11.42
CA ILE A 336 -15.80 3.61 10.49
C ILE A 336 -14.33 3.45 10.83
N GLN A 337 -13.56 2.91 9.90
CA GLN A 337 -12.13 2.75 10.10
C GLN A 337 -11.40 3.87 9.36
N LEU A 338 -10.65 4.66 10.10
CA LEU A 338 -9.88 5.76 9.54
C LEU A 338 -8.49 5.25 9.16
N ASN A 339 -8.21 5.22 7.86
CA ASN A 339 -6.92 4.79 7.36
C ASN A 339 -5.93 5.96 7.42
N ASP A 340 -5.15 6.00 8.51
CA ASP A 340 -4.29 7.14 8.85
C ASP A 340 -5.17 8.34 9.23
N THR A 341 -4.59 9.53 9.34
CA THR A 341 -5.35 10.71 9.71
C THR A 341 -6.00 11.38 8.52
N HIS A 342 -5.77 10.84 7.32
CA HIS A 342 -6.24 11.52 6.12
C HIS A 342 -7.75 11.77 6.13
N PRO A 343 -8.55 10.82 6.65
CA PRO A 343 -9.98 11.07 6.81
C PRO A 343 -10.38 11.45 8.24
N SER A 344 -9.46 12.05 9.00
CA SER A 344 -9.72 12.45 10.39
C SER A 344 -10.90 13.41 10.56
N LEU A 345 -11.22 14.17 9.52
CA LEU A 345 -12.36 15.10 9.60
C LEU A 345 -13.71 14.39 9.76
N ALA A 346 -13.73 13.08 9.57
CA ALA A 346 -14.91 12.25 9.88
C ALA A 346 -15.40 12.49 11.30
N ILE A 347 -14.47 12.68 12.24
CA ILE A 347 -14.82 12.85 13.65
C ILE A 347 -15.62 14.15 13.86
N PRO A 348 -15.06 15.31 13.50
CA PRO A 348 -15.88 16.53 13.66
C PRO A 348 -17.06 16.63 12.70
N GLU A 349 -16.97 15.98 11.53
CA GLU A 349 -18.10 15.97 10.59
C GLU A 349 -19.27 15.17 11.15
N LEU A 350 -18.97 14.01 11.74
CA LEU A 350 -20.01 13.20 12.38
C LEU A 350 -20.66 14.00 13.52
N MET A 351 -19.83 14.68 14.31
CA MET A 351 -20.35 15.54 15.38
C MET A 351 -21.21 16.67 14.82
N ARG A 352 -20.76 17.29 13.74
CA ARG A 352 -21.51 18.37 13.08
C ARG A 352 -22.91 17.92 12.67
N VAL A 353 -22.98 16.77 12.00
CA VAL A 353 -24.26 16.25 11.54
C VAL A 353 -25.16 15.90 12.73
N LEU A 354 -24.62 15.22 13.72
CA LEU A 354 -25.42 14.79 14.87
C LEU A 354 -25.90 15.96 15.73
N VAL A 355 -25.06 16.97 15.90
CA VAL A 355 -25.39 18.13 16.74
C VAL A 355 -26.17 19.21 15.98
N ASP A 356 -25.66 19.63 14.82
CA ASP A 356 -26.29 20.73 14.07
C ASP A 356 -27.52 20.33 13.26
N LEU A 357 -27.53 19.10 12.74
CA LEU A 357 -28.61 18.69 11.84
C LEU A 357 -29.60 17.75 12.52
N GLU A 358 -29.11 16.80 13.30
CA GLU A 358 -29.99 15.84 13.99
C GLU A 358 -30.38 16.30 15.39
N ARG A 359 -29.75 17.37 15.88
CA ARG A 359 -30.11 18.01 17.16
C ARG A 359 -29.88 17.14 18.40
N LEU A 360 -28.91 16.22 18.33
CA LEU A 360 -28.50 15.47 19.51
C LEU A 360 -27.71 16.38 20.42
N ASP A 361 -27.77 16.14 21.72
CA ASP A 361 -26.93 16.86 22.66
C ASP A 361 -25.47 16.44 22.44
N TRP A 362 -24.55 17.33 22.80
CA TRP A 362 -23.14 17.11 22.55
C TRP A 362 -22.64 15.79 23.10
N ASP A 363 -22.92 15.53 24.38
CA ASP A 363 -22.40 14.35 25.05
C ASP A 363 -22.87 13.04 24.41
N LYS A 364 -24.12 13.01 23.95
CA LYS A 364 -24.64 11.81 23.30
C LYS A 364 -23.97 11.63 21.93
N ALA A 365 -23.92 12.70 21.15
CA ALA A 365 -23.23 12.70 19.86
C ALA A 365 -21.79 12.20 19.98
N TRP A 366 -21.08 12.68 20.99
CA TRP A 366 -19.68 12.30 21.24
C TRP A 366 -19.52 10.81 21.55
N GLU A 367 -20.44 10.28 22.35
CA GLU A 367 -20.44 8.85 22.69
C GLU A 367 -20.63 8.00 21.44
N VAL A 368 -21.59 8.40 20.62
CA VAL A 368 -21.85 7.71 19.35
C VAL A 368 -20.62 7.77 18.45
N THR A 369 -20.02 8.95 18.35
CA THR A 369 -18.86 9.16 17.48
C THR A 369 -17.68 8.29 17.90
N VAL A 370 -17.36 8.30 19.19
CA VAL A 370 -16.23 7.55 19.72
C VAL A 370 -16.42 6.05 19.50
N LYS A 371 -17.62 5.55 19.76
CA LYS A 371 -17.92 4.14 19.59
C LYS A 371 -18.00 3.71 18.13
N THR A 372 -18.18 4.67 17.23
CA THR A 372 -18.24 4.38 15.81
C THR A 372 -16.87 4.38 15.15
N CYS A 373 -16.00 5.28 15.59
CA CYS A 373 -14.72 5.51 14.90
C CYS A 373 -13.56 4.76 15.53
N ALA A 374 -12.68 4.27 14.66
CA ALA A 374 -11.41 3.68 15.07
C ALA A 374 -10.33 4.19 14.12
N TYR A 375 -9.12 4.34 14.65
CA TYR A 375 -8.04 4.99 13.92
C TYR A 375 -6.83 4.08 13.82
N THR A 376 -6.28 3.97 12.62
CA THR A 376 -5.06 3.22 12.40
C THR A 376 -3.93 4.18 12.05
N ASN A 377 -2.87 4.14 12.85
CA ASN A 377 -1.64 4.90 12.58
C ASN A 377 -0.68 4.06 11.76
N HIS A 378 -0.08 4.64 10.74
CA HIS A 378 0.77 3.89 9.81
C HIS A 378 2.23 4.32 9.79
N THR A 379 2.60 5.34 10.57
CA THR A 379 3.99 5.80 10.58
C THR A 379 4.26 6.73 11.76
N VAL A 380 5.51 6.75 12.22
CA VAL A 380 5.94 7.66 13.27
C VAL A 380 6.90 8.73 12.76
N LEU A 381 7.20 8.74 11.46
CA LEU A 381 8.07 9.77 10.91
C LEU A 381 7.39 11.12 11.09
N PRO A 382 8.07 12.09 11.76
CA PRO A 382 7.45 13.37 12.11
C PRO A 382 6.99 14.18 10.90
N GLU A 383 7.73 14.13 9.80
CA GLU A 383 7.36 14.87 8.59
C GLU A 383 6.10 14.31 7.90
N ALA A 384 5.68 13.10 8.26
CA ALA A 384 4.48 12.49 7.70
C ALA A 384 3.21 12.88 8.45
N LEU A 385 3.35 13.41 9.67
CA LEU A 385 2.20 13.69 10.51
C LEU A 385 1.42 14.92 10.03
N GLU A 386 0.10 14.79 9.94
CA GLU A 386 -0.72 15.89 9.46
C GLU A 386 -0.98 16.92 10.56
N ARG A 387 -0.47 18.12 10.35
CA ARG A 387 -0.71 19.24 11.23
C ARG A 387 -1.19 20.42 10.39
N TRP A 388 -2.51 20.61 10.34
CA TRP A 388 -3.12 21.61 9.47
C TRP A 388 -3.13 22.99 10.12
N PRO A 389 -2.62 24.02 9.41
CA PRO A 389 -2.75 25.41 9.87
C PRO A 389 -4.18 25.78 10.22
N VAL A 390 -4.37 26.41 11.37
CA VAL A 390 -5.69 26.83 11.82
C VAL A 390 -6.34 27.79 10.83
N HIS A 391 -5.56 28.68 10.23
CA HIS A 391 -6.11 29.66 9.29
C HIS A 391 -6.75 29.02 8.06
N LEU A 392 -6.21 27.87 7.65
CA LEU A 392 -6.81 27.09 6.56
C LEU A 392 -8.18 26.51 6.94
N LEU A 393 -8.24 25.87 8.10
CA LEU A 393 -9.50 25.30 8.58
C LEU A 393 -10.52 26.40 8.84
N GLU A 394 -10.04 27.51 9.39
CA GLU A 394 -10.88 28.67 9.67
C GLU A 394 -11.63 29.15 8.41
N THR A 395 -10.91 29.24 7.31
CA THR A 395 -11.49 29.70 6.04
C THR A 395 -12.31 28.61 5.35
N LEU A 396 -11.76 27.40 5.27
CA LEU A 396 -12.40 26.35 4.48
C LEU A 396 -13.55 25.69 5.22
N LEU A 397 -13.36 25.43 6.51
CA LEU A 397 -14.30 24.63 7.30
C LEU A 397 -14.54 25.26 8.67
N PRO A 398 -15.16 26.45 8.67
CA PRO A 398 -15.27 27.24 9.91
C PRO A 398 -16.00 26.54 11.05
N ARG A 399 -17.02 25.74 10.73
CA ARG A 399 -17.78 25.05 11.77
C ARG A 399 -16.99 23.88 12.36
N HIS A 400 -16.22 23.20 11.52
CA HIS A 400 -15.40 22.09 11.97
C HIS A 400 -14.33 22.56 12.95
N LEU A 401 -13.74 23.72 12.68
CA LEU A 401 -12.74 24.31 13.57
C LEU A 401 -13.36 24.54 14.95
N GLN A 402 -14.57 25.10 14.96
CA GLN A 402 -15.30 25.34 16.22
C GLN A 402 -15.51 24.05 16.99
N ILE A 403 -15.92 23.00 16.27
CA ILE A 403 -16.15 21.70 16.89
C ILE A 403 -14.84 21.12 17.42
N ILE A 404 -13.75 21.29 16.67
CA ILE A 404 -12.43 20.81 17.10
C ILE A 404 -11.97 21.51 18.39
N TYR A 405 -12.21 22.81 18.49
CA TYR A 405 -11.88 23.55 19.71
C TYR A 405 -12.66 23.03 20.91
N GLU A 406 -13.94 22.76 20.69
CA GLU A 406 -14.81 22.22 21.71
C GLU A 406 -14.37 20.83 22.16
N ILE A 407 -14.02 19.98 21.19
CA ILE A 407 -13.48 18.66 21.50
C ILE A 407 -12.21 18.82 22.35
N ASN A 408 -11.33 19.72 21.93
CA ASN A 408 -10.08 19.95 22.61
C ASN A 408 -10.26 20.40 24.07
N GLN A 409 -11.14 21.36 24.28
CA GLN A 409 -11.44 21.88 25.62
C GLN A 409 -11.95 20.77 26.55
N ARG A 410 -12.91 19.99 26.07
CA ARG A 410 -13.46 18.89 26.86
C ARG A 410 -12.45 17.79 27.11
N PHE A 411 -11.65 17.47 26.09
CA PHE A 411 -10.58 16.49 26.24
C PHE A 411 -9.54 16.93 27.27
N LEU A 412 -9.06 18.17 27.15
CA LEU A 412 -8.05 18.68 28.08
C LEU A 412 -8.60 18.81 29.51
N ASN A 413 -9.90 19.05 29.66
CA ASN A 413 -10.52 19.00 30.99
C ASN A 413 -10.40 17.61 31.62
N ARG A 414 -10.52 16.55 30.81
CA ARG A 414 -10.33 15.19 31.31
C ARG A 414 -8.88 14.92 31.70
N VAL A 415 -7.95 15.41 30.90
CA VAL A 415 -6.52 15.24 31.17
C VAL A 415 -6.16 15.93 32.48
N ALA A 416 -6.63 17.17 32.63
CA ALA A 416 -6.38 17.97 33.85
C ALA A 416 -6.92 17.31 35.09
N ALA A 417 -8.08 16.66 34.96
CA ALA A 417 -8.70 15.94 36.06
C ALA A 417 -7.94 14.66 36.40
N ALA A 418 -7.36 13.99 35.40
CA ALA A 418 -6.61 12.76 35.62
C ALA A 418 -5.19 13.03 36.14
N PHE A 419 -4.60 14.15 35.72
CA PHE A 419 -3.22 14.47 36.05
C PHE A 419 -3.13 15.91 36.56
N PRO A 420 -3.70 16.17 37.75
CA PRO A 420 -3.78 17.54 38.24
C PRO A 420 -2.41 18.19 38.38
N GLY A 421 -2.28 19.41 37.86
CA GLY A 421 -1.05 20.19 37.98
C GLY A 421 -0.05 19.96 36.87
N ASP A 422 -0.28 18.93 36.05
CA ASP A 422 0.66 18.58 34.99
C ASP A 422 0.40 19.45 33.76
N VAL A 423 0.85 20.70 33.85
CA VAL A 423 0.58 21.68 32.80
C VAL A 423 1.30 21.36 31.50
N ASP A 424 2.48 20.76 31.57
CA ASP A 424 3.19 20.40 30.34
C ASP A 424 2.48 19.27 29.58
N ARG A 425 1.85 18.35 30.31
CA ARG A 425 1.09 17.28 29.68
C ARG A 425 -0.07 17.90 28.89
N LEU A 426 -0.74 18.89 29.47
CA LEU A 426 -1.83 19.59 28.80
C LEU A 426 -1.41 20.15 27.46
N ARG A 427 -0.25 20.80 27.40
CA ARG A 427 0.20 21.37 26.14
C ARG A 427 0.71 20.28 25.17
N ARG A 428 1.28 19.21 25.70
CA ARG A 428 1.73 18.09 24.86
C ARG A 428 0.57 17.33 24.23
N MET A 429 -0.56 17.26 24.93
CA MET A 429 -1.71 16.47 24.48
C MET A 429 -2.74 17.28 23.70
N SER A 430 -2.62 18.61 23.73
CA SER A 430 -3.59 19.47 23.07
C SER A 430 -3.74 19.11 21.58
N LEU A 431 -4.97 19.19 21.09
CA LEU A 431 -5.21 19.05 19.65
C LEU A 431 -4.64 20.26 18.93
N VAL A 432 -4.60 21.40 19.63
CA VAL A 432 -4.08 22.64 19.06
C VAL A 432 -2.62 22.82 19.44
N GLU A 433 -1.76 22.95 18.45
CA GLU A 433 -0.35 23.26 18.67
C GLU A 433 -0.11 24.76 18.56
N GLU A 434 0.50 25.32 19.60
CA GLU A 434 0.88 26.74 19.58
C GLU A 434 2.21 26.91 18.85
N GLY A 435 2.48 28.13 18.40
CA GLY A 435 3.74 28.43 17.71
C GLY A 435 3.59 29.57 16.72
N ALA A 436 4.53 29.63 15.78
CA ALA A 436 4.51 30.65 14.71
C ALA A 436 3.14 30.65 14.04
N VAL A 437 2.75 29.50 13.51
CA VAL A 437 1.39 29.29 13.02
C VAL A 437 0.73 28.23 13.91
N LYS A 438 -0.46 28.53 14.40
CA LYS A 438 -1.25 27.54 15.13
C LYS A 438 -1.61 26.41 14.17
N ARG A 439 -1.54 25.18 14.65
CA ARG A 439 -1.90 24.00 13.87
C ARG A 439 -2.76 23.05 14.67
N ILE A 440 -3.60 22.29 13.98
CA ILE A 440 -4.33 21.19 14.58
C ILE A 440 -3.56 19.91 14.31
N ASN A 441 -3.28 19.16 15.37
CA ASN A 441 -2.66 17.85 15.25
C ASN A 441 -3.76 16.81 15.02
N MET A 442 -3.81 16.28 13.81
CA MET A 442 -4.92 15.42 13.42
C MET A 442 -4.84 14.03 14.07
N ALA A 443 -3.62 13.60 14.41
CA ALA A 443 -3.42 12.35 15.12
C ALA A 443 -4.02 12.43 16.52
N HIS A 444 -3.82 13.56 17.19
CA HIS A 444 -4.41 13.78 18.50
C HIS A 444 -5.93 13.80 18.43
N LEU A 445 -6.48 14.44 17.40
CA LEU A 445 -7.92 14.44 17.18
C LEU A 445 -8.46 13.01 17.00
N CYS A 446 -7.75 12.22 16.21
CA CYS A 446 -8.14 10.82 15.97
C CYS A 446 -8.16 9.98 17.24
N ILE A 447 -7.15 10.13 18.09
CA ILE A 447 -7.08 9.34 19.33
C ILE A 447 -8.23 9.73 20.27
N ALA A 448 -8.45 11.03 20.42
CA ALA A 448 -9.52 11.54 21.28
C ALA A 448 -10.89 11.05 20.84
N GLY A 449 -11.11 10.97 19.52
CA GLY A 449 -12.42 10.67 18.98
C GLY A 449 -12.65 9.23 18.52
N SER A 450 -11.75 8.32 18.88
CA SER A 450 -11.84 6.91 18.47
C SER A 450 -11.81 6.00 19.71
N HIS A 451 -12.56 4.89 19.65
CA HIS A 451 -12.53 3.90 20.74
C HIS A 451 -11.36 2.93 20.62
N ALA A 452 -10.68 2.93 19.47
CA ALA A 452 -9.53 2.06 19.27
C ALA A 452 -8.51 2.74 18.39
N VAL A 453 -7.24 2.56 18.76
CA VAL A 453 -6.10 3.09 18.02
C VAL A 453 -5.14 1.93 17.87
N ASN A 454 -4.73 1.64 16.63
CA ASN A 454 -3.78 0.56 16.43
C ASN A 454 -2.61 0.98 15.57
N GLY A 455 -1.47 0.36 15.86
CA GLY A 455 -0.33 0.36 14.95
C GLY A 455 -0.41 -0.89 14.09
N VAL A 456 0.55 -1.05 13.19
CA VAL A 456 0.45 -1.98 12.08
C VAL A 456 1.50 -3.09 12.13
N ALA A 457 2.27 -3.13 13.22
CA ALA A 457 3.19 -4.22 13.52
C ALA A 457 3.53 -4.13 14.99
N ARG A 458 3.89 -5.24 15.61
CA ARG A 458 4.06 -5.27 17.07
C ARG A 458 5.04 -4.21 17.56
N ILE A 459 6.20 -4.11 16.91
CA ILE A 459 7.23 -3.14 17.32
C ILE A 459 6.74 -1.68 17.17
N HIS A 460 6.00 -1.43 16.10
CA HIS A 460 5.42 -0.12 15.84
C HIS A 460 4.38 0.24 16.89
N SER A 461 3.48 -0.69 17.18
CA SER A 461 2.46 -0.45 18.20
C SER A 461 3.08 -0.19 19.58
N GLU A 462 4.17 -0.88 19.88
CA GLU A 462 4.90 -0.64 21.13
C GLU A 462 5.55 0.74 21.12
N ILE A 463 6.12 1.12 19.99
CA ILE A 463 6.71 2.45 19.84
C ILE A 463 5.67 3.55 20.08
N LEU A 464 4.45 3.34 19.58
CA LEU A 464 3.36 4.30 19.78
C LEU A 464 3.06 4.49 21.27
N LYS A 465 3.02 3.39 22.02
CA LYS A 465 2.70 3.46 23.44
C LYS A 465 3.85 4.01 24.28
N LYS A 466 5.08 3.79 23.83
CA LYS A 466 6.27 4.20 24.58
C LYS A 466 6.80 5.58 24.22
N THR A 467 6.54 6.04 23.00
CA THR A 467 7.06 7.35 22.56
C THR A 467 5.97 8.34 22.15
N ILE A 468 5.60 8.38 20.88
CA ILE A 468 4.82 9.51 20.36
C ILE A 468 3.42 9.68 20.95
N PHE A 469 2.76 8.60 21.36
CA PHE A 469 1.45 8.70 22.02
C PHE A 469 1.46 8.21 23.47
N LYS A 470 2.63 8.28 24.11
CA LYS A 470 2.77 7.84 25.49
C LYS A 470 1.76 8.50 26.42
N ASP A 471 1.58 9.81 26.29
CA ASP A 471 0.62 10.55 27.12
C ASP A 471 -0.81 10.01 26.98
N PHE A 472 -1.18 9.67 25.74
CA PHE A 472 -2.52 9.20 25.43
C PHE A 472 -2.74 7.80 25.96
N TYR A 473 -1.72 6.96 25.81
CA TYR A 473 -1.74 5.61 26.36
C TYR A 473 -1.94 5.64 27.87
N GLU A 474 -1.27 6.57 28.56
CA GLU A 474 -1.40 6.69 30.02
C GLU A 474 -2.80 7.09 30.44
N LEU A 475 -3.45 7.95 29.66
CA LEU A 475 -4.84 8.35 29.92
C LEU A 475 -5.83 7.23 29.59
N GLU A 476 -5.63 6.56 28.45
CA GLU A 476 -6.62 5.59 27.98
C GLU A 476 -5.93 4.35 27.39
N PRO A 477 -5.33 3.52 28.26
CA PRO A 477 -4.55 2.39 27.79
C PRO A 477 -5.37 1.35 27.01
N HIS A 478 -6.63 1.20 27.39
CA HIS A 478 -7.56 0.28 26.73
C HIS A 478 -7.77 0.55 25.23
N LYS A 479 -7.55 1.79 24.81
CA LYS A 479 -7.69 2.17 23.40
C LYS A 479 -6.63 1.57 22.48
N PHE A 480 -5.44 1.31 23.01
CA PHE A 480 -4.29 1.00 22.18
C PHE A 480 -4.13 -0.48 21.87
N GLN A 481 -4.04 -0.78 20.58
CA GLN A 481 -3.97 -2.14 20.10
C GLN A 481 -2.89 -2.28 19.04
N ASN A 482 -2.61 -3.53 18.70
CA ASN A 482 -1.80 -3.88 17.54
C ASN A 482 -2.64 -4.67 16.55
N LYS A 483 -2.45 -4.40 15.27
CA LYS A 483 -2.97 -5.23 14.21
C LYS A 483 -1.88 -5.35 13.16
N THR A 484 -1.11 -6.43 13.21
CA THR A 484 0.00 -6.59 12.30
C THR A 484 -0.54 -6.73 10.89
N ASN A 485 0.07 -5.99 9.97
CA ASN A 485 -0.32 -5.98 8.56
C ASN A 485 -0.24 -7.35 7.92
N GLY A 486 -0.88 -7.45 6.76
CA GLY A 486 -0.81 -8.64 5.94
C GLY A 486 -1.02 -8.32 4.49
N ILE A 487 -0.96 -9.35 3.66
CA ILE A 487 -1.17 -9.24 2.21
C ILE A 487 -2.13 -10.34 1.80
N THR A 488 -2.87 -10.11 0.72
CA THR A 488 -3.79 -11.13 0.26
C THR A 488 -3.05 -12.21 -0.51
N PRO A 489 -3.23 -13.48 -0.11
CA PRO A 489 -2.57 -14.56 -0.83
C PRO A 489 -3.21 -14.86 -2.19
N ARG A 490 -4.37 -14.28 -2.48
CA ARG A 490 -4.93 -14.41 -3.82
C ARG A 490 -4.07 -13.68 -4.84
N ARG A 491 -3.99 -12.35 -4.75
CA ARG A 491 -3.11 -11.60 -5.64
C ARG A 491 -1.64 -11.99 -5.50
N TRP A 492 -1.18 -12.15 -4.26
CA TRP A 492 0.26 -12.23 -4.01
C TRP A 492 0.85 -13.65 -3.98
N LEU A 493 0.04 -14.64 -4.39
CA LEU A 493 0.57 -15.99 -4.62
C LEU A 493 -0.12 -16.64 -5.81
N VAL A 494 -1.43 -16.85 -5.68
CA VAL A 494 -2.18 -17.59 -6.70
C VAL A 494 -2.12 -16.87 -8.04
N LEU A 495 -2.35 -15.56 -8.02
CA LEU A 495 -2.36 -14.77 -9.25
C LEU A 495 -0.97 -14.59 -9.84
N CYS A 496 -0.02 -14.13 -9.04
CA CYS A 496 1.28 -13.78 -9.59
C CYS A 496 2.26 -14.95 -9.69
N ASN A 497 1.99 -16.04 -8.96
CA ASN A 497 2.92 -17.16 -8.93
C ASN A 497 2.15 -18.49 -8.95
N PRO A 498 1.44 -18.76 -10.07
CA PRO A 498 0.64 -19.98 -10.14
C PRO A 498 1.46 -21.26 -10.02
N GLY A 499 2.68 -21.25 -10.58
CA GLY A 499 3.60 -22.38 -10.49
C GLY A 499 3.88 -22.81 -9.06
N LEU A 500 4.11 -21.84 -8.18
CA LEU A 500 4.33 -22.12 -6.77
C LEU A 500 3.05 -22.54 -6.07
N ALA A 501 1.95 -21.86 -6.39
CA ALA A 501 0.66 -22.22 -5.82
C ALA A 501 0.32 -23.69 -6.14
N GLU A 502 0.66 -24.11 -7.35
CA GLU A 502 0.33 -25.46 -7.83
C GLU A 502 1.11 -26.55 -7.12
N ILE A 503 2.42 -26.40 -7.03
CA ILE A 503 3.26 -27.41 -6.35
C ILE A 503 2.92 -27.50 -4.87
N ILE A 504 2.47 -26.40 -4.26
CA ILE A 504 1.99 -26.45 -2.89
C ILE A 504 0.67 -27.20 -2.82
N ALA A 505 -0.25 -26.87 -3.73
CA ALA A 505 -1.56 -27.51 -3.78
C ALA A 505 -1.46 -29.03 -4.00
N GLU A 506 -0.50 -29.44 -4.82
CA GLU A 506 -0.27 -30.86 -5.08
C GLU A 506 -0.02 -31.67 -3.81
N ARG A 507 0.58 -31.03 -2.80
CA ARG A 507 0.92 -31.70 -1.55
C ARG A 507 -0.16 -31.54 -0.47
N ILE A 508 -0.68 -30.33 -0.29
CA ILE A 508 -1.55 -30.06 0.85
C ILE A 508 -2.96 -29.60 0.49
N GLY A 509 -3.32 -29.67 -0.80
CA GLY A 509 -4.65 -29.27 -1.25
C GLY A 509 -4.77 -27.77 -1.45
N GLU A 510 -5.99 -27.32 -1.73
CA GLU A 510 -6.26 -25.92 -2.09
C GLU A 510 -6.71 -25.03 -0.94
N GLU A 511 -7.06 -25.62 0.21
CA GLU A 511 -7.67 -24.88 1.32
C GLU A 511 -6.81 -23.73 1.84
N TYR A 512 -5.49 -23.83 1.66
CA TYR A 512 -4.56 -22.83 2.20
C TYR A 512 -4.77 -21.44 1.61
N ILE A 513 -5.37 -21.37 0.42
CA ILE A 513 -5.55 -20.10 -0.28
C ILE A 513 -6.44 -19.14 0.49
N SER A 514 -7.39 -19.67 1.27
CA SER A 514 -8.20 -18.86 2.20
C SER A 514 -7.96 -19.26 3.66
N ASP A 515 -6.85 -19.92 3.92
CA ASP A 515 -6.48 -20.32 5.27
C ASP A 515 -4.97 -20.54 5.26
N LEU A 516 -4.24 -19.43 5.14
CA LEU A 516 -2.81 -19.48 4.83
C LEU A 516 -1.96 -20.15 5.91
N ASP A 517 -2.47 -20.26 7.14
CA ASP A 517 -1.76 -20.97 8.21
C ASP A 517 -1.49 -22.44 7.86
N GLN A 518 -2.28 -22.97 6.94
CA GLN A 518 -2.07 -24.35 6.48
C GLN A 518 -0.73 -24.57 5.79
N LEU A 519 -0.07 -23.50 5.33
CA LEU A 519 1.27 -23.63 4.76
C LEU A 519 2.28 -24.27 5.74
N ARG A 520 2.01 -24.20 7.04
CA ARG A 520 2.83 -24.90 8.04
C ARG A 520 3.06 -26.37 7.70
N LYS A 521 2.06 -27.01 7.10
CA LYS A 521 2.16 -28.42 6.68
C LYS A 521 3.35 -28.66 5.76
N LEU A 522 3.83 -27.62 5.08
CA LEU A 522 5.00 -27.73 4.22
C LEU A 522 6.30 -28.02 4.97
N LEU A 523 6.33 -27.80 6.28
CA LEU A 523 7.52 -28.10 7.08
C LEU A 523 7.85 -29.60 7.03
N SER A 524 6.84 -30.45 6.86
CA SER A 524 7.07 -31.89 6.76
C SER A 524 7.62 -32.30 5.39
N TYR A 525 7.84 -31.34 4.49
CA TYR A 525 8.44 -31.58 3.18
C TYR A 525 9.82 -30.95 3.01
N VAL A 526 10.36 -30.38 4.08
CA VAL A 526 11.65 -29.69 4.03
C VAL A 526 12.82 -30.62 3.67
N ASP A 527 12.66 -31.93 3.93
CA ASP A 527 13.65 -32.93 3.53
C ASP A 527 13.18 -33.79 2.35
N ASP A 528 12.08 -33.39 1.71
CA ASP A 528 11.51 -34.12 0.59
C ASP A 528 12.22 -33.67 -0.69
N GLU A 529 12.93 -34.61 -1.31
CA GLU A 529 13.81 -34.30 -2.44
C GLU A 529 13.03 -33.80 -3.66
N ALA A 530 11.84 -34.36 -3.87
CA ALA A 530 10.97 -33.95 -4.99
C ALA A 530 10.49 -32.52 -4.80
N PHE A 531 10.05 -32.20 -3.59
CA PHE A 531 9.55 -30.85 -3.27
C PHE A 531 10.66 -29.79 -3.37
N ILE A 532 11.82 -30.10 -2.82
CA ILE A 532 13.00 -29.24 -2.95
C ILE A 532 13.28 -28.93 -4.42
N ARG A 533 13.21 -29.97 -5.25
CA ARG A 533 13.42 -29.83 -6.69
C ARG A 533 12.34 -28.96 -7.34
N ASP A 534 11.08 -29.15 -6.94
CA ASP A 534 9.97 -28.39 -7.51
C ASP A 534 10.04 -26.91 -7.11
N VAL A 535 10.32 -26.65 -5.84
CA VAL A 535 10.44 -25.27 -5.36
C VAL A 535 11.51 -24.54 -6.16
N ALA A 536 12.67 -25.16 -6.30
CA ALA A 536 13.79 -24.57 -7.04
C ALA A 536 13.47 -24.39 -8.53
N LYS A 537 12.73 -25.33 -9.11
CA LYS A 537 12.39 -25.24 -10.54
C LYS A 537 11.43 -24.09 -10.80
N VAL A 538 10.42 -23.94 -9.95
CA VAL A 538 9.47 -22.84 -10.06
C VAL A 538 10.17 -21.48 -9.99
N LYS A 539 11.12 -21.35 -9.07
CA LYS A 539 11.90 -20.11 -8.97
C LYS A 539 12.68 -19.86 -10.26
N GLN A 540 13.37 -20.89 -10.73
CA GLN A 540 14.15 -20.76 -11.97
C GLN A 540 13.27 -20.34 -13.14
N GLU A 541 12.08 -20.94 -13.24
CA GLU A 541 11.13 -20.60 -14.30
C GLU A 541 10.70 -19.13 -14.18
N ASN A 542 10.40 -18.70 -12.96
CA ASN A 542 10.04 -17.30 -12.72
C ASN A 542 11.14 -16.34 -13.15
N LYS A 543 12.38 -16.68 -12.83
CA LYS A 543 13.53 -15.85 -13.18
C LYS A 543 13.75 -15.76 -14.68
N LEU A 544 13.59 -16.88 -15.38
CA LEU A 544 13.70 -16.92 -16.84
C LEU A 544 12.62 -16.06 -17.48
N LYS A 545 11.38 -16.21 -17.02
CA LYS A 545 10.28 -15.41 -17.51
C LYS A 545 10.53 -13.92 -17.30
N PHE A 546 11.05 -13.55 -16.12
CA PHE A 546 11.31 -12.14 -15.84
C PHE A 546 12.49 -11.60 -16.64
N ALA A 547 13.54 -12.41 -16.78
CA ALA A 547 14.70 -12.04 -17.60
C ALA A 547 14.31 -11.82 -19.06
N ALA A 548 13.31 -12.58 -19.53
CA ALA A 548 12.77 -12.40 -20.86
C ALA A 548 11.95 -11.12 -20.97
N TYR A 549 11.14 -10.84 -19.94
CA TYR A 549 10.35 -9.60 -19.89
C TYR A 549 11.25 -8.37 -19.99
N LEU A 550 12.40 -8.43 -19.33
CA LEU A 550 13.36 -7.33 -19.38
C LEU A 550 13.89 -7.07 -20.79
N GLU A 551 14.33 -8.14 -21.47
CA GLU A 551 14.84 -8.01 -22.85
C GLU A 551 13.78 -7.52 -23.83
N ARG A 552 12.57 -8.05 -23.73
CA ARG A 552 11.49 -7.68 -24.66
C ARG A 552 11.05 -6.21 -24.49
N GLU A 553 10.66 -5.86 -23.27
CA GLU A 553 10.10 -4.52 -22.99
C GLU A 553 11.14 -3.43 -22.71
N TYR A 554 12.37 -3.82 -22.38
CA TYR A 554 13.42 -2.84 -22.05
C TYR A 554 14.81 -3.12 -22.64
N LYS A 555 14.92 -4.12 -23.51
CA LYS A 555 16.19 -4.46 -24.18
C LYS A 555 17.42 -4.39 -23.27
N VAL A 556 17.36 -5.12 -22.16
CA VAL A 556 18.49 -5.25 -21.24
C VAL A 556 18.74 -6.73 -20.93
N HIS A 557 20.01 -7.12 -20.94
CA HIS A 557 20.40 -8.53 -20.87
C HIS A 557 20.97 -8.91 -19.51
N ILE A 558 20.33 -9.89 -18.86
CA ILE A 558 20.76 -10.33 -17.53
C ILE A 558 20.98 -11.85 -17.47
N ASN A 559 21.89 -12.26 -16.60
CA ASN A 559 22.19 -13.67 -16.38
C ASN A 559 21.14 -14.30 -15.46
N PRO A 560 20.31 -15.23 -15.99
CA PRO A 560 19.26 -15.82 -15.15
C PRO A 560 19.74 -16.81 -14.09
N ASN A 561 21.03 -17.17 -14.14
CA ASN A 561 21.63 -18.01 -13.11
C ASN A 561 22.23 -17.23 -11.94
N SER A 562 22.19 -15.91 -12.03
CA SER A 562 22.70 -15.06 -10.95
C SER A 562 21.67 -14.97 -9.83
N LEU A 563 22.15 -14.58 -8.65
CA LEU A 563 21.27 -14.31 -7.51
C LEU A 563 20.52 -13.01 -7.81
N PHE A 564 19.20 -13.07 -7.78
CA PHE A 564 18.37 -11.89 -8.02
C PHE A 564 18.14 -11.14 -6.72
N ASP A 565 18.85 -10.02 -6.59
CA ASP A 565 18.92 -9.23 -5.36
C ASP A 565 18.04 -8.00 -5.60
N VAL A 566 16.89 -7.95 -4.94
CA VAL A 566 15.83 -7.00 -5.29
C VAL A 566 15.43 -6.10 -4.13
N GLN A 567 15.44 -4.79 -4.38
CA GLN A 567 14.85 -3.82 -3.48
C GLN A 567 13.86 -2.96 -4.24
N VAL A 568 12.58 -3.24 -4.07
CA VAL A 568 11.53 -2.46 -4.71
C VAL A 568 10.57 -1.92 -3.65
N LYS A 569 10.35 -0.61 -3.72
CA LYS A 569 9.59 0.15 -2.73
C LYS A 569 9.83 1.61 -3.10
N ARG A 570 9.03 2.51 -2.54
CA ARG A 570 9.22 3.92 -2.83
C ARG A 570 10.62 4.36 -2.41
N ILE A 571 11.18 5.33 -3.13
CA ILE A 571 12.51 5.83 -2.82
C ILE A 571 12.39 6.79 -1.64
N HIS A 572 13.08 6.48 -0.55
CA HIS A 572 13.10 7.34 0.62
C HIS A 572 14.39 7.11 1.38
N GLU A 573 14.90 8.16 2.02
CA GLU A 573 16.08 8.03 2.85
C GLU A 573 15.93 6.97 3.94
N TYR A 574 14.78 6.89 4.60
CA TYR A 574 14.60 5.93 5.69
C TYR A 574 14.65 4.47 5.22
N LYS A 575 14.26 4.23 3.98
CA LYS A 575 14.31 2.89 3.41
C LYS A 575 15.73 2.48 2.99
N ARG A 576 16.63 3.46 2.91
CA ARG A 576 18.07 3.22 2.74
C ARG A 576 18.47 2.43 1.49
N GLN A 577 17.87 2.79 0.35
CA GLN A 577 18.41 2.41 -0.94
C GLN A 577 19.90 2.77 -1.01
N LEU A 578 20.31 3.85 -0.33
CA LEU A 578 21.72 4.22 -0.29
C LEU A 578 22.62 3.17 0.34
N LEU A 579 22.13 2.49 1.38
CA LEU A 579 22.91 1.44 2.00
C LEU A 579 23.15 0.30 0.99
N ASN A 580 22.11 -0.04 0.25
CA ASN A 580 22.22 -1.00 -0.85
C ASN A 580 23.28 -0.53 -1.85
N CYS A 581 23.20 0.72 -2.25
CA CYS A 581 24.18 1.30 -3.18
C CYS A 581 25.61 1.14 -2.69
N LEU A 582 25.83 1.37 -1.40
CA LEU A 582 27.16 1.22 -0.81
C LEU A 582 27.65 -0.21 -0.92
N HIS A 583 26.76 -1.17 -0.69
CA HIS A 583 27.13 -2.58 -0.85
C HIS A 583 27.51 -2.91 -2.31
N VAL A 584 26.70 -2.43 -3.25
CA VAL A 584 26.95 -2.68 -4.66
C VAL A 584 28.33 -2.17 -5.07
N ILE A 585 28.66 -0.95 -4.64
CA ILE A 585 29.97 -0.37 -4.95
C ILE A 585 31.09 -1.16 -4.26
N THR A 586 30.82 -1.66 -3.06
CA THR A 586 31.78 -2.52 -2.34
C THR A 586 32.10 -3.78 -3.16
N LEU A 587 31.06 -4.45 -3.65
CA LEU A 587 31.21 -5.64 -4.50
C LEU A 587 32.00 -5.34 -5.76
N TYR A 588 31.69 -4.22 -6.39
CA TYR A 588 32.39 -3.78 -7.59
C TYR A 588 33.87 -3.54 -7.30
N ASN A 589 34.17 -2.80 -6.24
CA ASN A 589 35.56 -2.53 -5.86
C ASN A 589 36.36 -3.79 -5.51
N ARG A 590 35.72 -4.73 -4.82
CA ARG A 590 36.34 -6.01 -4.49
C ARG A 590 36.68 -6.82 -5.75
N ILE A 591 35.78 -6.82 -6.72
CA ILE A 591 36.02 -7.50 -7.99
C ILE A 591 37.18 -6.85 -8.72
N LYS A 592 37.20 -5.53 -8.77
CA LYS A 592 38.28 -4.81 -9.45
C LYS A 592 39.63 -5.05 -8.78
N LYS A 593 39.63 -5.22 -7.46
CA LYS A 593 40.84 -5.50 -6.70
C LYS A 593 41.38 -6.91 -6.95
N GLU A 594 40.47 -7.89 -7.07
CA GLU A 594 40.86 -9.29 -7.31
C GLU A 594 39.96 -9.88 -8.41
N PRO A 595 40.22 -9.50 -9.67
CA PRO A 595 39.33 -9.84 -10.78
C PRO A 595 39.17 -11.33 -11.02
N ASN A 596 40.21 -12.10 -10.75
CA ASN A 596 40.21 -13.53 -11.10
C ASN A 596 39.80 -14.44 -9.96
N LYS A 597 39.25 -13.84 -8.90
CA LYS A 597 38.70 -14.57 -7.76
C LYS A 597 37.21 -14.81 -8.03
N PHE A 598 36.71 -15.99 -7.68
CA PHE A 598 35.29 -16.31 -7.89
C PHE A 598 34.41 -15.53 -6.91
N VAL A 599 33.32 -14.99 -7.43
CA VAL A 599 32.25 -14.41 -6.59
C VAL A 599 30.91 -14.87 -7.11
N VAL A 600 29.94 -15.04 -6.22
CA VAL A 600 28.61 -15.44 -6.62
C VAL A 600 28.01 -14.34 -7.48
N PRO A 601 27.64 -14.66 -8.72
CA PRO A 601 27.07 -13.62 -9.59
C PRO A 601 25.76 -13.08 -9.04
N ARG A 602 25.56 -11.77 -9.17
CA ARG A 602 24.33 -11.13 -8.73
C ARG A 602 23.76 -10.23 -9.78
N THR A 603 22.43 -10.20 -9.84
CA THR A 603 21.72 -9.13 -10.50
C THR A 603 21.05 -8.32 -9.42
N VAL A 604 21.53 -7.10 -9.20
CA VAL A 604 20.98 -6.21 -8.20
C VAL A 604 19.95 -5.32 -8.87
N MET A 605 18.71 -5.46 -8.44
CA MET A 605 17.60 -4.71 -9.00
C MET A 605 17.02 -3.79 -7.95
N ILE A 606 16.97 -2.51 -8.28
CA ILE A 606 16.37 -1.52 -7.41
C ILE A 606 15.32 -0.78 -8.21
N GLY A 607 14.15 -0.61 -7.62
CA GLY A 607 13.10 0.15 -8.28
C GLY A 607 12.20 0.86 -7.29
N GLY A 608 11.53 1.89 -7.78
CA GLY A 608 10.60 2.66 -6.98
C GLY A 608 10.52 4.09 -7.44
N LYS A 609 9.43 4.75 -7.09
CA LYS A 609 9.24 6.13 -7.47
C LYS A 609 9.67 7.07 -6.36
N ALA A 610 10.17 8.24 -6.75
CA ALA A 610 10.45 9.33 -5.83
C ALA A 610 9.32 10.36 -5.96
N ALA A 611 8.91 10.94 -4.84
CA ALA A 611 7.98 12.07 -4.86
C ALA A 611 8.62 13.19 -5.70
N PRO A 612 7.83 13.83 -6.60
CA PRO A 612 8.40 14.83 -7.52
C PRO A 612 9.20 15.95 -6.87
N GLY A 613 8.83 16.38 -5.65
CA GLY A 613 9.54 17.47 -4.99
C GLY A 613 10.62 17.06 -3.99
N TYR A 614 10.95 15.77 -3.97
CA TYR A 614 11.89 15.21 -3.02
C TYR A 614 13.25 15.07 -3.72
N HIS A 615 14.05 16.12 -3.59
CA HIS A 615 15.31 16.21 -4.31
C HIS A 615 16.28 15.06 -4.02
N MET A 616 16.49 14.77 -2.74
CA MET A 616 17.42 13.71 -2.35
C MET A 616 17.02 12.36 -2.95
N ALA A 617 15.72 12.06 -2.96
CA ALA A 617 15.22 10.81 -3.56
C ALA A 617 15.51 10.76 -5.05
N LYS A 618 15.37 11.89 -5.73
CA LYS A 618 15.70 11.95 -7.15
C LYS A 618 17.20 11.80 -7.39
N MET A 619 18.02 12.30 -6.47
CA MET A 619 19.46 12.13 -6.55
C MET A 619 19.86 10.66 -6.34
N ILE A 620 19.13 9.96 -5.49
CA ILE A 620 19.38 8.55 -5.21
C ILE A 620 19.13 7.71 -6.47
N ILE A 621 18.02 7.99 -7.17
CA ILE A 621 17.72 7.31 -8.43
C ILE A 621 18.85 7.55 -9.44
N LYS A 622 19.30 8.79 -9.53
CA LYS A 622 20.40 9.13 -10.43
C LYS A 622 21.68 8.40 -10.05
N LEU A 623 21.96 8.28 -8.76
CA LEU A 623 23.14 7.53 -8.30
C LEU A 623 23.07 6.06 -8.72
N ILE A 624 21.90 5.44 -8.55
CA ILE A 624 21.73 4.03 -8.91
C ILE A 624 21.99 3.77 -10.38
N THR A 625 21.44 4.62 -11.24
CA THR A 625 21.66 4.49 -12.68
C THR A 625 23.12 4.78 -13.03
N ALA A 626 23.73 5.74 -12.33
CA ALA A 626 25.13 6.09 -12.55
C ALA A 626 26.08 4.96 -12.19
N ILE A 627 25.77 4.24 -11.11
CA ILE A 627 26.51 3.04 -10.73
C ILE A 627 26.34 1.96 -11.80
N GLY A 628 25.11 1.76 -12.24
CA GLY A 628 24.80 0.82 -13.33
C GLY A 628 25.59 1.11 -14.59
N ASP A 629 25.67 2.38 -14.98
CA ASP A 629 26.43 2.79 -16.16
C ASP A 629 27.89 2.33 -16.08
N VAL A 630 28.49 2.46 -14.91
CA VAL A 630 29.89 2.05 -14.70
C VAL A 630 30.02 0.53 -14.60
N VAL A 631 29.21 -0.08 -13.73
CA VAL A 631 29.34 -1.51 -13.45
C VAL A 631 28.97 -2.37 -14.65
N ASN A 632 27.88 -2.02 -15.34
CA ASN A 632 27.36 -2.86 -16.41
C ASN A 632 28.21 -2.84 -17.68
N HIS A 633 29.13 -1.89 -17.79
CA HIS A 633 29.96 -1.78 -19.00
C HIS A 633 31.45 -2.02 -18.74
N ASP A 634 31.78 -2.48 -17.52
CA ASP A 634 33.16 -2.80 -17.16
C ASP A 634 33.44 -4.24 -17.62
N PRO A 635 34.34 -4.42 -18.60
CA PRO A 635 34.57 -5.75 -19.17
C PRO A 635 35.12 -6.77 -18.16
N VAL A 636 35.84 -6.29 -17.16
CA VAL A 636 36.43 -7.14 -16.13
C VAL A 636 35.37 -7.74 -15.21
N VAL A 637 34.29 -7.00 -15.00
CA VAL A 637 33.18 -7.50 -14.19
C VAL A 637 32.47 -8.64 -14.92
N GLY A 638 32.21 -8.45 -16.21
CA GLY A 638 31.52 -9.45 -17.01
C GLY A 638 30.07 -9.56 -16.60
N ASP A 639 29.56 -10.79 -16.53
CA ASP A 639 28.20 -11.04 -16.08
C ASP A 639 28.15 -11.43 -14.59
N ARG A 640 29.18 -11.06 -13.84
CA ARG A 640 29.24 -11.39 -12.41
C ARG A 640 28.46 -10.39 -11.55
N LEU A 641 28.34 -9.16 -12.04
CA LEU A 641 27.58 -8.14 -11.33
C LEU A 641 26.86 -7.25 -12.33
N ARG A 642 25.56 -7.13 -12.16
CA ARG A 642 24.73 -6.23 -12.97
C ARG A 642 23.85 -5.41 -12.04
N VAL A 643 23.68 -4.13 -12.37
CA VAL A 643 22.83 -3.24 -11.60
C VAL A 643 21.78 -2.65 -12.51
N ILE A 644 20.52 -2.93 -12.21
CA ILE A 644 19.41 -2.48 -13.03
C ILE A 644 18.44 -1.66 -12.19
N PHE A 645 18.06 -0.50 -12.71
CA PHE A 645 16.97 0.26 -12.12
C PHE A 645 15.66 -0.13 -12.78
N LEU A 646 14.75 -0.71 -12.01
CA LEU A 646 13.43 -1.10 -12.51
C LEU A 646 12.53 0.12 -12.61
N GLU A 647 12.27 0.52 -13.85
CA GLU A 647 11.50 1.73 -14.14
C GLU A 647 10.02 1.50 -13.88
N ASN A 648 9.37 2.51 -13.32
CA ASN A 648 7.91 2.53 -13.16
C ASN A 648 7.37 1.42 -12.27
N TYR A 649 8.02 1.22 -11.13
CA TYR A 649 7.58 0.21 -10.18
C TYR A 649 6.16 0.52 -9.75
N ARG A 650 5.32 -0.51 -9.81
CA ARG A 650 3.90 -0.38 -9.59
C ARG A 650 3.37 -1.78 -9.31
N VAL A 651 2.08 -1.90 -9.03
CA VAL A 651 1.52 -3.20 -8.61
C VAL A 651 1.76 -4.28 -9.68
N SER A 652 1.46 -3.97 -10.95
CA SER A 652 1.61 -4.96 -12.01
C SER A 652 3.08 -5.41 -12.20
N LEU A 653 4.02 -4.52 -11.93
CA LEU A 653 5.44 -4.88 -11.99
C LEU A 653 5.87 -5.71 -10.78
N ALA A 654 5.32 -5.39 -9.61
CA ALA A 654 5.55 -6.18 -8.40
C ALA A 654 5.11 -7.63 -8.60
N GLU A 655 4.01 -7.82 -9.31
CA GLU A 655 3.51 -9.16 -9.60
C GLU A 655 4.47 -9.98 -10.46
N LYS A 656 5.30 -9.30 -11.25
CA LYS A 656 6.30 -9.97 -12.09
C LYS A 656 7.64 -10.19 -11.36
N VAL A 657 8.15 -9.14 -10.72
CA VAL A 657 9.49 -9.20 -10.14
C VAL A 657 9.55 -10.01 -8.83
N ILE A 658 8.52 -9.90 -7.99
CA ILE A 658 8.57 -10.55 -6.68
C ILE A 658 8.72 -12.09 -6.80
N PRO A 659 7.92 -12.73 -7.67
CA PRO A 659 8.11 -14.18 -7.87
C PRO A 659 9.50 -14.59 -8.39
N ALA A 660 10.21 -13.66 -9.04
CA ALA A 660 11.52 -13.94 -9.58
C ALA A 660 12.66 -13.67 -8.61
N ALA A 661 12.37 -13.10 -7.45
CA ALA A 661 13.43 -12.65 -6.55
C ALA A 661 14.00 -13.80 -5.72
N ASP A 662 15.31 -13.75 -5.47
CA ASP A 662 15.98 -14.65 -4.55
C ASP A 662 16.19 -14.00 -3.18
N LEU A 663 16.56 -12.73 -3.19
CA LEU A 663 16.90 -12.00 -1.98
C LEU A 663 16.05 -10.73 -1.90
N SER A 664 15.37 -10.58 -0.77
CA SER A 664 14.51 -9.43 -0.48
C SER A 664 15.22 -8.46 0.45
N GLU A 665 15.38 -7.22 0.00
CA GLU A 665 16.10 -6.20 0.76
C GLU A 665 15.10 -5.39 1.57
N GLN A 666 15.16 -5.55 2.89
CA GLN A 666 14.24 -4.87 3.80
C GLN A 666 15.08 -4.20 4.90
N ILE A 667 15.70 -3.07 4.55
CA ILE A 667 16.87 -2.57 5.26
C ILE A 667 16.70 -1.15 5.81
N SER A 668 15.47 -0.81 6.14
CA SER A 668 15.16 0.45 6.81
C SER A 668 15.87 0.52 8.16
N THR A 669 16.21 1.73 8.58
CA THR A 669 16.78 1.94 9.90
C THR A 669 15.78 1.50 10.95
N ALA A 670 16.24 0.72 11.92
CA ALA A 670 15.34 0.21 12.96
C ALA A 670 14.50 1.34 13.55
N GLY A 671 13.19 1.13 13.62
CA GLY A 671 12.25 2.11 14.16
C GLY A 671 11.56 3.03 13.16
N THR A 672 11.83 2.86 11.87
CA THR A 672 11.32 3.80 10.86
C THR A 672 10.24 3.22 9.96
N GLU A 673 10.35 1.94 9.59
CA GLU A 673 9.33 1.28 8.77
C GLU A 673 8.28 0.70 9.71
N ALA A 674 7.10 1.32 9.75
CA ALA A 674 6.07 0.91 10.70
C ALA A 674 5.79 -0.60 10.59
N SER A 675 5.59 -1.08 9.37
CA SER A 675 5.41 -2.51 9.13
C SER A 675 6.21 -2.95 7.91
N GLY A 676 5.91 -2.32 6.77
CA GLY A 676 6.32 -2.86 5.49
C GLY A 676 5.33 -3.95 5.10
N THR A 677 5.09 -4.11 3.81
CA THR A 677 4.26 -5.21 3.31
C THR A 677 4.92 -5.91 2.12
N GLY A 678 5.79 -5.19 1.41
CA GLY A 678 6.62 -5.80 0.39
C GLY A 678 7.38 -6.99 0.95
N ASN A 679 7.91 -6.81 2.16
CA ASN A 679 8.60 -7.89 2.86
C ASN A 679 7.81 -9.21 2.89
N MET A 680 6.52 -9.11 3.20
CA MET A 680 5.65 -10.30 3.28
C MET A 680 5.43 -10.95 1.91
N LYS A 681 5.33 -10.11 0.87
CA LYS A 681 5.16 -10.59 -0.51
C LYS A 681 6.32 -11.44 -0.93
N PHE A 682 7.55 -11.00 -0.64
CA PHE A 682 8.74 -11.76 -0.99
C PHE A 682 8.86 -13.07 -0.22
N MET A 683 8.46 -13.06 1.05
CA MET A 683 8.52 -14.24 1.89
C MET A 683 7.62 -15.34 1.34
N LEU A 684 6.43 -14.94 0.91
CA LEU A 684 5.43 -15.86 0.40
C LEU A 684 5.84 -16.47 -0.95
N ASN A 685 6.70 -15.78 -1.69
CA ASN A 685 7.07 -16.16 -3.05
C ASN A 685 8.48 -16.75 -3.21
N GLY A 686 9.09 -17.12 -2.09
CA GLY A 686 10.30 -17.95 -2.12
C GLY A 686 11.61 -17.20 -2.24
N ALA A 687 11.64 -15.96 -1.75
CA ALA A 687 12.90 -15.24 -1.58
C ALA A 687 13.28 -15.27 -0.12
N LEU A 688 14.58 -15.24 0.16
CA LEU A 688 15.06 -15.07 1.53
C LEU A 688 15.19 -13.58 1.79
N THR A 689 15.15 -13.20 3.06
CA THR A 689 15.14 -11.78 3.44
C THR A 689 16.43 -11.37 4.12
N ILE A 690 17.03 -10.29 3.64
CA ILE A 690 18.09 -9.61 4.38
C ILE A 690 17.46 -8.33 4.92
N GLY A 691 17.52 -8.16 6.23
CA GLY A 691 16.80 -7.07 6.83
C GLY A 691 17.17 -6.74 8.26
N THR A 692 16.79 -5.53 8.65
CA THR A 692 16.92 -5.05 10.00
C THR A 692 15.73 -5.53 10.81
N MET A 693 15.86 -5.44 12.13
CA MET A 693 14.76 -5.77 13.02
C MET A 693 13.87 -4.54 13.11
N ASP A 694 13.10 -4.33 12.04
CA ASP A 694 12.23 -3.18 11.92
C ASP A 694 10.86 -3.63 11.40
N GLY A 695 9.82 -2.91 11.81
CA GLY A 695 8.46 -3.24 11.36
C GLY A 695 8.13 -4.71 11.50
N ALA A 696 7.47 -5.26 10.49
CA ALA A 696 7.04 -6.66 10.51
C ALA A 696 8.18 -7.67 10.29
N ASN A 697 9.36 -7.19 9.88
CA ASN A 697 10.53 -8.08 9.77
C ASN A 697 10.75 -8.87 11.07
N VAL A 698 10.54 -8.18 12.19
CA VAL A 698 10.70 -8.78 13.53
C VAL A 698 9.81 -10.00 13.68
N GLU A 699 8.55 -9.85 13.27
CA GLU A 699 7.58 -10.93 13.38
C GLU A 699 7.83 -12.01 12.34
N MET A 700 8.28 -11.60 11.15
CA MET A 700 8.63 -12.58 10.12
C MET A 700 9.78 -13.47 10.59
N ALA A 701 10.82 -12.87 11.18
CA ALA A 701 11.94 -13.62 11.72
C ALA A 701 11.49 -14.54 12.86
N GLU A 702 10.58 -14.04 13.67
CA GLU A 702 10.00 -14.78 14.76
C GLU A 702 9.24 -16.02 14.26
N GLU A 703 8.48 -15.86 13.20
CA GLU A 703 7.71 -16.96 12.62
C GLU A 703 8.59 -18.00 11.96
N ALA A 704 9.55 -17.55 11.16
CA ALA A 704 10.43 -18.46 10.42
C ALA A 704 11.57 -19.04 11.25
N GLY A 705 11.94 -18.33 12.33
CA GLY A 705 13.15 -18.62 13.09
C GLY A 705 14.29 -17.75 12.59
N GLU A 706 15.02 -17.15 13.52
CA GLU A 706 16.11 -16.23 13.17
C GLU A 706 17.22 -16.90 12.36
N GLU A 707 17.35 -18.22 12.49
CA GLU A 707 18.33 -19.01 11.72
C GLU A 707 18.01 -19.02 10.23
N ASN A 708 16.76 -18.70 9.89
CA ASN A 708 16.29 -18.75 8.51
C ASN A 708 16.04 -17.37 7.92
N PHE A 709 16.64 -16.37 8.56
CA PHE A 709 16.54 -14.97 8.19
C PHE A 709 17.92 -14.34 8.25
N PHE A 710 18.22 -13.44 7.32
CA PHE A 710 19.49 -12.75 7.34
C PHE A 710 19.31 -11.42 8.06
N ILE A 711 19.43 -11.47 9.38
CA ILE A 711 19.22 -10.30 10.22
C ILE A 711 20.55 -9.61 10.45
N PHE A 712 20.55 -8.29 10.35
CA PHE A 712 21.76 -7.51 10.63
C PHE A 712 21.39 -6.16 11.24
N GLY A 713 22.39 -5.50 11.81
CA GLY A 713 22.30 -4.08 12.09
C GLY A 713 21.74 -3.72 13.45
N MET A 714 21.67 -2.42 13.68
CA MET A 714 21.19 -1.88 14.93
C MET A 714 19.74 -2.30 15.17
N ARG A 715 19.43 -2.62 16.41
CA ARG A 715 18.06 -2.70 16.87
C ARG A 715 17.63 -1.29 17.27
N VAL A 716 16.34 -1.11 17.52
CA VAL A 716 15.79 0.18 17.96
C VAL A 716 16.60 0.75 19.14
N GLU A 717 16.92 -0.11 20.11
CA GLU A 717 17.64 0.30 21.32
C GLU A 717 19.05 0.83 20.99
N ASP A 718 19.66 0.24 19.97
CA ASP A 718 20.99 0.67 19.53
C ASP A 718 20.92 2.04 18.88
N VAL A 719 19.86 2.27 18.11
CA VAL A 719 19.66 3.57 17.47
C VAL A 719 19.49 4.65 18.54
N ASP A 720 18.69 4.33 19.56
CA ASP A 720 18.49 5.24 20.69
C ASP A 720 19.79 5.56 21.42
N ARG A 721 20.63 4.55 21.67
CA ARG A 721 21.94 4.77 22.30
C ARG A 721 22.82 5.69 21.47
N LEU A 722 22.83 5.50 20.15
CA LEU A 722 23.63 6.32 19.25
C LEU A 722 23.14 7.77 19.25
N ASP A 723 21.82 7.96 19.28
CA ASP A 723 21.23 9.30 19.33
C ASP A 723 21.57 10.02 20.63
N GLN A 724 21.63 9.28 21.74
CA GLN A 724 21.96 9.86 23.05
C GLN A 724 23.35 10.48 23.04
N ARG A 725 24.35 9.76 22.55
CA ARG A 725 25.73 10.28 22.51
C ARG A 725 26.02 11.07 21.23
N GLY A 726 25.14 10.97 20.24
CA GLY A 726 25.29 11.73 19.00
C GLY A 726 25.91 10.90 17.89
N TYR A 727 25.26 10.90 16.74
CA TYR A 727 25.74 10.13 15.60
C TYR A 727 26.82 10.94 14.87
N ASN A 728 28.03 10.39 14.85
CA ASN A 728 29.14 10.98 14.11
C ASN A 728 29.60 10.05 12.99
N ALA A 729 29.19 10.38 11.76
CA ALA A 729 29.47 9.55 10.60
C ALA A 729 30.97 9.49 10.26
N GLN A 730 31.68 10.58 10.57
CA GLN A 730 33.14 10.67 10.35
C GLN A 730 33.89 9.51 11.00
N GLU A 731 33.44 9.10 12.18
CA GLU A 731 34.03 7.99 12.91
C GLU A 731 34.09 6.74 12.04
N TYR A 732 32.98 6.42 11.37
CA TYR A 732 32.91 5.24 10.51
C TYR A 732 33.80 5.41 9.27
N TYR A 733 33.74 6.58 8.66
CA TYR A 733 34.62 6.94 7.55
C TYR A 733 36.09 6.77 7.92
N ASP A 734 36.44 7.18 9.13
CA ASP A 734 37.82 7.11 9.61
C ASP A 734 38.31 5.68 9.86
N ARG A 735 37.40 4.79 10.25
CA ARG A 735 37.78 3.45 10.72
C ARG A 735 37.49 2.32 9.74
N ILE A 736 36.79 2.61 8.64
CA ILE A 736 36.45 1.59 7.64
C ILE A 736 37.02 2.00 6.29
N PRO A 737 38.20 1.47 5.92
CA PRO A 737 38.86 1.84 4.66
C PRO A 737 38.02 1.60 3.41
N GLU A 738 37.27 0.50 3.37
CA GLU A 738 36.41 0.20 2.22
C GLU A 738 35.33 1.27 2.05
N LEU A 739 34.79 1.75 3.15
CA LEU A 739 33.79 2.84 3.13
C LEU A 739 34.41 4.16 2.70
N ARG A 740 35.61 4.46 3.20
CA ARG A 740 36.35 5.66 2.82
C ARG A 740 36.59 5.72 1.32
N GLN A 741 36.98 4.60 0.72
CA GLN A 741 37.19 4.51 -0.72
C GLN A 741 35.95 4.89 -1.51
N ILE A 742 34.80 4.37 -1.09
CA ILE A 742 33.53 4.63 -1.80
C ILE A 742 33.19 6.12 -1.77
N ILE A 743 33.32 6.73 -0.60
CA ILE A 743 33.00 8.14 -0.44
C ILE A 743 33.95 8.97 -1.30
N GLU A 744 35.22 8.60 -1.34
CA GLU A 744 36.19 9.27 -2.19
C GLU A 744 35.86 9.12 -3.68
N GLN A 745 35.38 7.94 -4.07
CA GLN A 745 34.92 7.72 -5.45
C GLN A 745 33.74 8.60 -5.81
N LEU A 746 32.75 8.68 -4.92
CA LEU A 746 31.58 9.53 -5.12
C LEU A 746 31.96 11.00 -5.25
N SER A 747 32.74 11.49 -4.30
CA SER A 747 33.15 12.90 -4.25
C SER A 747 33.98 13.31 -5.46
N SER A 748 34.89 12.44 -5.88
CA SER A 748 35.87 12.76 -6.91
C SER A 748 35.31 12.69 -8.33
N GLY A 749 34.14 12.08 -8.51
CA GLY A 749 33.52 12.00 -9.83
C GLY A 749 33.77 10.69 -10.56
N PHE A 750 34.09 9.62 -9.83
CA PHE A 750 34.28 8.30 -10.43
C PHE A 750 33.01 7.82 -11.16
N PHE A 751 31.85 8.09 -10.57
CA PHE A 751 30.56 7.69 -11.15
C PHE A 751 29.87 8.81 -11.93
N SER A 752 30.55 9.94 -12.10
CA SER A 752 30.04 11.05 -12.90
C SER A 752 31.21 11.86 -13.49
N PRO A 753 31.93 11.27 -14.48
CA PRO A 753 33.16 11.87 -15.02
C PRO A 753 32.99 13.29 -15.56
N LYS A 754 31.90 13.51 -16.28
CA LYS A 754 31.67 14.80 -16.94
C LYS A 754 31.01 15.82 -16.01
N GLN A 755 30.58 15.36 -14.84
CA GLN A 755 30.00 16.22 -13.81
C GLN A 755 30.56 15.78 -12.45
N PRO A 756 31.83 16.09 -12.18
CA PRO A 756 32.54 15.51 -11.02
C PRO A 756 31.89 15.72 -9.65
N ASP A 757 31.14 16.81 -9.49
CA ASP A 757 30.53 17.12 -8.19
C ASP A 757 29.03 16.81 -8.14
N LEU A 758 28.55 15.96 -9.04
CA LEU A 758 27.12 15.68 -9.16
C LEU A 758 26.51 15.16 -7.86
N PHE A 759 27.25 14.32 -7.13
CA PHE A 759 26.72 13.65 -5.93
C PHE A 759 27.20 14.26 -4.62
N LYS A 760 27.65 15.52 -4.66
CA LYS A 760 28.14 16.21 -3.44
C LYS A 760 27.06 16.31 -2.36
N ASP A 761 25.82 16.56 -2.77
CA ASP A 761 24.70 16.61 -1.83
C ASP A 761 24.54 15.29 -1.10
N ILE A 762 24.69 14.19 -1.83
CA ILE A 762 24.60 12.86 -1.21
C ILE A 762 25.73 12.65 -0.21
N VAL A 763 26.96 12.95 -0.61
CA VAL A 763 28.12 12.80 0.28
C VAL A 763 27.98 13.71 1.48
N ASN A 764 27.56 14.95 1.26
CA ASN A 764 27.42 15.91 2.35
C ASN A 764 26.38 15.42 3.37
N MET A 765 25.26 14.89 2.87
CA MET A 765 24.22 14.37 3.73
C MET A 765 24.73 13.18 4.55
N LEU A 766 25.37 12.23 3.87
CA LEU A 766 25.93 11.03 4.54
C LEU A 766 26.92 11.38 5.64
N MET A 767 27.80 12.34 5.37
CA MET A 767 28.84 12.75 6.31
C MET A 767 28.35 13.63 7.46
N HIS A 768 27.37 14.48 7.21
CA HIS A 768 26.99 15.51 8.21
C HIS A 768 25.53 15.57 8.64
N HIS A 769 24.60 15.08 7.83
CA HIS A 769 23.17 15.26 8.14
C HIS A 769 22.33 14.01 7.87
N ASP A 770 22.86 12.84 8.25
CA ASP A 770 22.17 11.58 7.98
C ASP A 770 21.30 11.15 9.16
N ARG A 771 20.01 11.45 9.07
CA ARG A 771 19.04 11.05 10.09
C ARG A 771 18.89 9.53 10.23
N PHE A 772 19.33 8.77 9.23
CA PHE A 772 19.04 7.33 9.19
C PHE A 772 20.27 6.42 9.29
N LYS A 773 21.41 7.01 9.65
CA LYS A 773 22.59 6.28 10.11
C LYS A 773 23.04 5.18 9.16
N VAL A 774 23.16 5.54 7.89
CA VAL A 774 23.60 4.61 6.84
C VAL A 774 24.95 3.97 7.18
N PHE A 775 25.93 4.79 7.58
CA PHE A 775 27.27 4.27 7.88
C PHE A 775 27.26 3.31 9.07
N ALA A 776 26.38 3.54 10.04
CA ALA A 776 26.35 2.73 11.26
C ALA A 776 26.03 1.26 11.03
N ASP A 777 25.27 0.97 9.97
CA ASP A 777 24.92 -0.41 9.64
C ASP A 777 25.73 -1.01 8.47
N TYR A 778 26.68 -0.25 7.93
CA TYR A 778 27.40 -0.68 6.73
C TYR A 778 28.20 -1.97 6.94
N GLU A 779 29.01 -2.02 8.00
CA GLU A 779 29.88 -3.18 8.24
C GLU A 779 29.09 -4.47 8.41
N GLU A 780 28.09 -4.44 9.29
CA GLU A 780 27.23 -5.60 9.53
C GLU A 780 26.45 -6.02 8.28
N TYR A 781 26.01 -5.04 7.50
CA TYR A 781 25.29 -5.32 6.25
C TYR A 781 26.17 -6.07 5.25
N VAL A 782 27.39 -5.57 5.04
CA VAL A 782 28.32 -6.20 4.09
C VAL A 782 28.66 -7.63 4.54
N LYS A 783 28.96 -7.81 5.82
CA LYS A 783 29.23 -9.14 6.37
C LYS A 783 28.04 -10.07 6.19
N CYS A 784 26.85 -9.57 6.46
CA CYS A 784 25.63 -10.35 6.30
C CYS A 784 25.41 -10.77 4.85
N GLN A 785 25.67 -9.86 3.92
CA GLN A 785 25.61 -10.13 2.48
C GLN A 785 26.59 -11.22 2.02
N GLU A 786 27.73 -11.32 2.71
CA GLU A 786 28.71 -12.38 2.42
C GLU A 786 28.12 -13.74 2.81
N ARG A 787 27.38 -13.76 3.92
CA ARG A 787 26.71 -14.98 4.35
C ARG A 787 25.59 -15.38 3.39
N VAL A 788 24.92 -14.40 2.80
CA VAL A 788 23.92 -14.67 1.77
C VAL A 788 24.57 -15.38 0.57
N SER A 789 25.69 -14.82 0.10
CA SER A 789 26.44 -15.39 -1.02
C SER A 789 26.90 -16.81 -0.72
N ALA A 790 27.41 -17.04 0.49
CA ALA A 790 27.84 -18.37 0.92
C ALA A 790 26.72 -19.40 0.81
N LEU A 791 25.53 -19.05 1.30
CA LEU A 791 24.40 -19.97 1.26
C LEU A 791 23.90 -20.23 -0.17
N TYR A 792 23.96 -19.20 -1.01
CA TYR A 792 23.48 -19.34 -2.40
C TYR A 792 24.33 -20.35 -3.19
N LYS A 793 25.60 -20.50 -2.82
CA LYS A 793 26.48 -21.51 -3.41
C LYS A 793 26.08 -22.96 -3.11
N ASN A 794 25.18 -23.15 -2.14
CA ASN A 794 24.63 -24.45 -1.81
C ASN A 794 23.13 -24.48 -2.12
N PRO A 795 22.76 -24.70 -3.39
CA PRO A 795 21.37 -24.65 -3.85
C PRO A 795 20.37 -25.39 -2.97
N ARG A 796 20.76 -26.59 -2.52
CA ARG A 796 19.88 -27.44 -1.72
C ARG A 796 19.53 -26.80 -0.38
N GLU A 797 20.55 -26.27 0.30
CA GLU A 797 20.33 -25.65 1.60
C GLU A 797 19.67 -24.27 1.48
N TRP A 798 19.97 -23.55 0.41
CA TRP A 798 19.22 -22.33 0.09
C TRP A 798 17.73 -22.64 0.00
N THR A 799 17.37 -23.61 -0.83
CA THR A 799 15.99 -23.98 -1.06
C THR A 799 15.29 -24.50 0.20
N ARG A 800 16.02 -25.25 1.03
CA ARG A 800 15.45 -25.73 2.28
C ARG A 800 15.09 -24.56 3.22
N MET A 801 15.95 -23.55 3.26
CA MET A 801 15.66 -22.36 4.06
C MET A 801 14.46 -21.58 3.47
N VAL A 802 14.38 -21.53 2.14
CA VAL A 802 13.22 -20.94 1.47
C VAL A 802 11.94 -21.66 1.88
N ILE A 803 11.96 -22.99 1.86
CA ILE A 803 10.78 -23.76 2.25
C ILE A 803 10.35 -23.41 3.68
N ARG A 804 11.33 -23.22 4.57
CA ARG A 804 11.04 -22.83 5.94
C ARG A 804 10.40 -21.43 6.03
N ASN A 805 10.74 -20.55 5.10
CA ASN A 805 10.10 -19.23 5.05
C ASN A 805 8.66 -19.32 4.54
N ILE A 806 8.48 -19.92 3.37
CA ILE A 806 7.13 -20.06 2.78
C ILE A 806 6.19 -20.75 3.77
N ALA A 807 6.70 -21.79 4.41
CA ALA A 807 5.92 -22.60 5.34
C ALA A 807 5.43 -21.83 6.57
N THR A 808 6.16 -20.78 6.96
CA THR A 808 5.80 -19.98 8.13
C THR A 808 5.28 -18.58 7.76
N SER A 809 4.85 -18.39 6.52
CA SER A 809 4.37 -17.09 6.05
C SER A 809 2.88 -16.85 6.35
N GLY A 810 2.19 -17.88 6.86
CA GLY A 810 0.75 -17.83 7.11
C GLY A 810 0.22 -16.67 7.94
N LYS A 811 0.93 -16.31 9.02
CA LYS A 811 0.52 -15.17 9.86
C LYS A 811 0.28 -13.88 9.05
N PHE A 812 0.95 -13.76 7.92
CA PHE A 812 0.96 -12.49 7.18
C PHE A 812 -0.07 -12.43 6.07
N SER A 813 -1.06 -13.33 6.14
CA SER A 813 -2.27 -13.20 5.35
C SER A 813 -3.11 -12.07 5.92
N SER A 814 -3.61 -11.21 5.04
CA SER A 814 -4.52 -10.14 5.45
C SER A 814 -5.86 -10.69 5.93
N ASP A 815 -6.14 -11.97 5.64
CA ASP A 815 -7.30 -12.64 6.24
C ASP A 815 -7.14 -12.71 7.76
N ARG A 816 -5.92 -12.95 8.23
CA ARG A 816 -5.65 -12.99 9.67
C ARG A 816 -5.81 -11.57 10.24
N THR A 817 -5.20 -10.61 9.57
CA THR A 817 -5.29 -9.22 9.98
C THR A 817 -6.76 -8.75 10.10
N ILE A 818 -7.54 -8.99 9.06
CA ILE A 818 -8.93 -8.53 9.03
C ILE A 818 -9.78 -9.26 10.08
N ALA A 819 -9.54 -10.55 10.27
CA ALA A 819 -10.26 -11.29 11.31
C ALA A 819 -10.02 -10.64 12.68
N GLN A 820 -8.81 -10.14 12.90
CA GLN A 820 -8.49 -9.48 14.18
C GLN A 820 -9.15 -8.11 14.31
N TYR A 821 -9.12 -7.31 13.25
CA TYR A 821 -9.89 -6.06 13.22
C TYR A 821 -11.36 -6.33 13.53
N ALA A 822 -11.91 -7.35 12.87
CA ALA A 822 -13.33 -7.68 12.99
C ALA A 822 -13.71 -8.03 14.42
N ARG A 823 -12.94 -8.92 15.04
CA ARG A 823 -13.26 -9.40 16.38
C ARG A 823 -12.88 -8.40 17.48
N GLU A 824 -11.76 -7.70 17.31
CA GLU A 824 -11.21 -6.88 18.38
C GLU A 824 -11.53 -5.38 18.27
N ILE A 825 -11.91 -4.91 17.08
CA ILE A 825 -12.25 -3.49 16.91
C ILE A 825 -13.69 -3.28 16.46
N TRP A 826 -14.11 -3.99 15.40
CA TRP A 826 -15.42 -3.74 14.79
C TRP A 826 -16.56 -4.47 15.50
N GLY A 827 -16.24 -5.55 16.19
CA GLY A 827 -17.26 -6.32 16.92
C GLY A 827 -18.17 -7.09 15.99
N VAL A 828 -17.58 -7.71 14.96
CA VAL A 828 -18.32 -8.55 14.02
C VAL A 828 -17.55 -9.84 13.79
N GLU A 829 -18.28 -10.90 13.44
CA GLU A 829 -17.68 -12.21 13.25
C GLU A 829 -17.51 -12.50 11.77
N PRO A 830 -16.28 -12.85 11.35
CA PRO A 830 -16.08 -13.26 9.96
C PRO A 830 -16.70 -14.63 9.67
N SER A 831 -16.90 -14.92 8.39
CA SER A 831 -17.52 -16.14 7.94
C SER A 831 -16.91 -16.60 6.62
N ARG A 832 -16.66 -17.89 6.49
CA ARG A 832 -16.15 -18.47 5.25
C ARG A 832 -17.25 -19.17 4.45
N GLN A 833 -18.49 -19.13 4.95
CA GLN A 833 -19.64 -19.71 4.25
C GLN A 833 -19.98 -18.91 2.99
N ARG A 834 -20.41 -19.62 1.96
CA ARG A 834 -20.66 -19.02 0.66
C ARG A 834 -22.14 -18.70 0.50
N LEU A 835 -22.42 -17.60 -0.21
CA LEU A 835 -23.78 -17.30 -0.65
C LEU A 835 -24.11 -18.18 -1.85
N PRO A 836 -25.41 -18.39 -2.14
CA PRO A 836 -25.80 -19.17 -3.31
C PRO A 836 -25.40 -18.48 -4.63
N ALA A 837 -24.99 -19.28 -5.61
CA ALA A 837 -24.44 -18.77 -6.86
C ALA A 837 -25.51 -18.18 -7.79
C2 MIF B . 4.28 2.71 6.13
O2 MIF B . 5.41 3.49 5.69
C3 MIF B . 4.54 1.21 5.94
O3 MIF B . 5.54 0.79 6.88
C4 MIF B . 3.28 0.38 6.21
C1 MIF B . 3.01 3.19 5.42
O4 MIF B . 3.54 -0.99 5.89
C5 MIF B . 2.11 0.91 5.37
C6 MIF B . 0.81 0.14 5.63
O6 MIF B . 0.58 0.17 7.04
O5 MIF B . 1.89 2.30 5.68
N2 MIF B . 2.19 6.73 4.14
C8 MIF B . 2.52 5.48 4.43
S1 MIF B . 2.52 4.85 5.98
N1 MIF B . 2.88 4.58 3.51
C7 MIF B . 3.19 3.37 4.02
O7 MIF B . 3.56 2.47 3.26
N1 PLP C . 4.47 -0.38 -3.85
C2 PLP C . 3.86 -1.39 -4.50
C2A PLP C . 3.51 -1.27 -5.96
C3 PLP C . 3.50 -2.63 -3.76
O3 PLP C . 2.89 -3.65 -4.39
C4 PLP C . 3.87 -2.70 -2.33
C4A PLP C . 3.57 -3.90 -1.46
C5 PLP C . 4.54 -1.52 -1.74
C6 PLP C . 4.81 -0.42 -2.55
C5A PLP C . 4.97 -1.49 -0.29
O4P PLP C . 6.27 -2.08 -0.24
P PLP C . 7.24 -1.83 1.03
O1P PLP C . 8.49 -2.56 0.64
O2P PLP C . 7.40 -0.34 1.09
O3P PLP C . 6.50 -2.44 2.21
P PO4 D . -25.03 22.26 5.74
O1 PO4 D . -24.53 20.91 5.27
O2 PO4 D . -24.94 22.31 7.24
O3 PO4 D . -26.46 22.46 5.31
O4 PO4 D . -24.16 23.35 5.13
#